data_4QTG
#
_entry.id   4QTG
#
_cell.length_a   60.468
_cell.length_b   85.486
_cell.length_c   141.623
_cell.angle_alpha   90.00
_cell.angle_beta   90.00
_cell.angle_gamma   90.00
#
_symmetry.space_group_name_H-M   'P 21 21 21'
#
loop_
_entity.id
_entity.type
_entity.pdbx_description
1 polymer '5-CARBOXYVANILLATE DECARBOXYLASE'
2 non-polymer 'MANGANESE (II) ION'
3 non-polymer GLYCEROL
4 water water
#
_entity_poly.entity_id   1
_entity_poly.type   'polypeptide(L)'
_entity_poly.pdbx_seq_one_letter_code
;MHHHHHHSSGVDLGTENLYFQSMTQDLKTGGEQGYLRIATEEAFATREIIDVYLRMIRDGTADKGMVSLWGFYAQSPSER
ATQILERLLDLGERRIADMDATGIDKAILALTSPGVQPLHDLDEARTLATRANDTLADACQKYPDRFIGMGTVAPQDPEW
SAREIHRGARELGFKGIQINSHTQGRYLDEEFFDPIFRALVEVDQPLYIHPATSPDSMIDPMLEAGLDGAIFGFGVETGM
HLLRLITIGIFDKYPSLQIMVGHMGEALPYWLYRLDYMHQAGVRSQRYERMKPLKKTIEGYLKSNVLVTNSGVAWEPAIK
FCQQVMGEDRVMYAMDYPYQYVADEVRAMDAMDMSAQTKKKFFQTNAEKWFKL
;
_entity_poly.pdbx_strand_id   A,B
#
loop_
_chem_comp.id
_chem_comp.type
_chem_comp.name
_chem_comp.formula
GOL non-polymer GLYCEROL 'C3 H8 O3'
MN non-polymer 'MANGANESE (II) ION' 'Mn 2'
#
# COMPACT_ATOMS: atom_id res chain seq x y z
N ASP A 26 28.80 10.25 19.96
CA ASP A 26 27.64 11.10 20.35
C ASP A 26 26.32 10.32 20.56
N LEU A 27 26.28 9.01 20.24
CA LEU A 27 25.09 8.24 20.61
C LEU A 27 25.45 7.34 21.79
N LYS A 28 24.79 7.59 22.90
CA LYS A 28 25.16 6.92 24.18
C LYS A 28 23.95 6.19 24.77
N THR A 29 24.20 5.01 25.32
CA THR A 29 23.27 4.39 26.23
C THR A 29 23.13 5.14 27.54
N GLY A 30 22.10 4.79 28.31
CA GLY A 30 21.94 5.28 29.67
C GLY A 30 20.90 6.34 29.96
N GLY A 31 20.34 6.84 28.87
CA GLY A 31 19.15 7.69 28.97
C GLY A 31 19.42 9.12 29.37
N GLU A 32 20.67 9.59 29.21
CA GLU A 32 20.98 10.97 29.64
C GLU A 32 20.21 12.05 28.93
N GLN A 33 19.82 11.75 27.67
CA GLN A 33 19.08 12.65 26.80
C GLN A 33 17.59 12.73 27.22
N GLY A 34 17.22 11.96 28.26
CA GLY A 34 15.89 11.99 28.90
C GLY A 34 14.96 10.80 28.62
N TYR A 35 15.46 9.83 27.89
CA TYR A 35 14.74 8.62 27.61
C TYR A 35 15.74 7.53 27.28
N LEU A 36 15.34 6.27 27.59
CA LEU A 36 16.05 5.11 26.99
C LEU A 36 15.57 4.93 25.56
N ARG A 37 16.46 4.44 24.71
CA ARG A 37 16.09 4.06 23.32
C ARG A 37 15.85 2.56 23.34
N ILE A 38 14.57 2.19 23.24
CA ILE A 38 14.15 0.79 23.16
C ILE A 38 13.72 0.54 21.70
N ALA A 39 14.46 -0.34 21.06
CA ALA A 39 14.23 -0.69 19.65
C ALA A 39 13.32 -1.93 19.60
N THR A 40 12.16 -1.79 18.97
CA THR A 40 11.09 -2.78 19.09
C THR A 40 10.86 -3.72 17.91
N GLU A 41 11.77 -3.75 16.92
CA GLU A 41 11.63 -4.70 15.78
C GLU A 41 12.99 -5.17 15.29
N GLU A 42 13.66 -5.95 16.16
CA GLU A 42 15.07 -6.26 15.96
C GLU A 42 15.19 -7.76 15.68
N ALA A 43 16.04 -8.12 14.72
CA ALA A 43 16.03 -9.48 14.21
C ALA A 43 17.33 -10.26 14.55
N PHE A 44 17.17 -11.58 14.67
CA PHE A 44 18.29 -12.53 14.73
C PHE A 44 17.96 -13.74 13.87
N ALA A 45 18.99 -14.53 13.60
CA ALA A 45 18.82 -15.81 12.87
C ALA A 45 19.50 -16.93 13.65
N THR A 46 19.11 -18.16 13.34
CA THR A 46 19.92 -19.31 13.67
C THR A 46 20.52 -19.95 12.44
N ARG A 47 21.77 -20.39 12.55
CA ARG A 47 22.44 -20.99 11.41
C ARG A 47 21.69 -22.20 10.88
N GLU A 48 21.16 -23.02 11.77
CA GLU A 48 20.46 -24.24 11.34
C GLU A 48 19.19 -23.91 10.56
N ILE A 49 18.48 -22.82 10.91
CA ILE A 49 17.32 -22.45 10.10
C ILE A 49 17.68 -21.86 8.77
N ILE A 50 18.72 -21.02 8.71
CA ILE A 50 19.16 -20.52 7.42
C ILE A 50 19.61 -21.71 6.53
N ASP A 51 20.24 -22.74 7.14
CA ASP A 51 20.66 -23.89 6.35
C ASP A 51 19.45 -24.67 5.76
N VAL A 52 18.34 -24.70 6.50
CA VAL A 52 17.08 -25.26 5.98
C VAL A 52 16.62 -24.45 4.75
N TYR A 53 16.65 -23.11 4.82
CA TYR A 53 16.23 -22.32 3.68
C TYR A 53 17.10 -22.73 2.45
N LEU A 54 18.39 -22.81 2.68
CA LEU A 54 19.34 -23.22 1.60
C LEU A 54 19.05 -24.58 1.04
N ARG A 55 18.71 -25.50 1.93
CA ARG A 55 18.28 -26.84 1.51
C ARG A 55 17.04 -26.78 0.62
N MET A 56 16.05 -26.00 1.10
CA MET A 56 14.79 -25.82 0.32
C MET A 56 15.04 -25.20 -1.05
N ILE A 57 15.96 -24.25 -1.13
CA ILE A 57 16.25 -23.59 -2.38
C ILE A 57 16.90 -24.63 -3.33
N ARG A 58 17.82 -25.39 -2.76
CA ARG A 58 18.54 -26.42 -3.51
CA ARG A 58 18.54 -26.41 -3.54
C ARG A 58 17.62 -27.55 -4.02
N ASP A 59 16.68 -27.95 -3.17
CA ASP A 59 15.81 -29.07 -3.52
C ASP A 59 14.51 -28.69 -4.25
N GLY A 60 14.30 -27.39 -4.45
CA GLY A 60 13.14 -26.91 -5.19
C GLY A 60 11.85 -26.85 -4.42
N THR A 61 11.90 -27.01 -3.08
CA THR A 61 10.72 -26.83 -2.29
C THR A 61 10.50 -25.43 -1.73
N ALA A 62 11.49 -24.56 -1.86
CA ALA A 62 11.35 -23.14 -1.50
C ALA A 62 10.37 -22.47 -2.42
N ASP A 63 9.55 -21.61 -1.83
CA ASP A 63 8.68 -20.75 -2.61
C ASP A 63 9.44 -19.61 -3.29
N LYS A 64 8.79 -18.90 -4.23
CA LYS A 64 9.52 -17.89 -4.97
C LYS A 64 10.09 -16.79 -4.05
N GLY A 65 9.34 -16.48 -3.00
CA GLY A 65 9.79 -15.45 -2.06
C GLY A 65 11.05 -15.87 -1.32
N MET A 66 11.08 -17.14 -0.88
CA MET A 66 12.28 -17.66 -0.23
C MET A 66 13.50 -17.64 -1.15
N VAL A 67 13.28 -18.11 -2.36
CA VAL A 67 14.38 -18.10 -3.33
C VAL A 67 14.92 -16.64 -3.48
N SER A 68 14.00 -15.71 -3.64
CA SER A 68 14.37 -14.29 -3.82
C SER A 68 15.09 -13.74 -2.57
N LEU A 69 14.42 -13.83 -1.44
CA LEU A 69 14.89 -13.17 -0.23
C LEU A 69 16.13 -13.83 0.33
N TRP A 70 16.06 -15.13 0.54
CA TRP A 70 17.15 -15.86 1.19
C TRP A 70 18.19 -16.36 0.23
N GLY A 71 17.87 -16.54 -1.06
CA GLY A 71 18.93 -16.73 -1.98
C GLY A 71 19.84 -15.52 -2.06
N PHE A 72 19.29 -14.35 -1.79
CA PHE A 72 20.06 -13.10 -1.68
C PHE A 72 20.77 -13.04 -0.34
N TYR A 73 20.05 -13.00 0.78
CA TYR A 73 20.75 -12.73 2.05
C TYR A 73 21.76 -13.80 2.41
N ALA A 74 21.47 -15.07 2.12
CA ALA A 74 22.33 -16.15 2.58
C ALA A 74 23.47 -16.43 1.63
N GLN A 75 23.39 -15.90 0.43
CA GLN A 75 24.39 -16.21 -0.63
C GLN A 75 25.08 -15.02 -1.32
N SER A 76 24.47 -13.84 -1.34
CA SER A 76 25.10 -12.72 -2.06
C SER A 76 26.41 -12.37 -1.37
N PRO A 77 27.48 -12.07 -2.17
CA PRO A 77 28.76 -11.60 -1.62
C PRO A 77 28.75 -10.09 -1.34
N SER A 78 27.63 -9.42 -1.62
CA SER A 78 27.55 -7.96 -1.39
C SER A 78 27.85 -7.61 0.06
N GLU A 79 28.32 -6.36 0.26
CA GLU A 79 28.54 -5.82 1.58
C GLU A 79 27.25 -5.88 2.39
N ARG A 80 26.15 -5.51 1.77
CA ARG A 80 24.88 -5.44 2.53
C ARG A 80 24.47 -6.81 3.05
N ALA A 81 24.47 -7.81 2.15
CA ALA A 81 24.00 -9.16 2.54
C ALA A 81 24.94 -9.78 3.56
N THR A 82 26.25 -9.68 3.32
CA THR A 82 27.17 -10.38 4.19
CA THR A 82 27.25 -10.31 4.17
C THR A 82 27.16 -9.78 5.60
N GLN A 83 27.04 -8.44 5.71
CA GLN A 83 26.94 -7.82 7.03
C GLN A 83 25.64 -8.20 7.74
N ILE A 84 24.53 -8.20 7.01
CA ILE A 84 23.27 -8.62 7.57
C ILE A 84 23.33 -10.05 8.08
N LEU A 85 23.91 -10.95 7.28
CA LEU A 85 23.96 -12.32 7.70
C LEU A 85 24.76 -12.46 8.99
N GLU A 86 25.95 -11.86 9.03
CA GLU A 86 26.82 -11.96 10.24
C GLU A 86 26.13 -11.36 11.46
N ARG A 87 25.56 -10.19 11.30
CA ARG A 87 24.87 -9.51 12.43
C ARG A 87 23.68 -10.30 12.93
N LEU A 88 22.91 -10.84 11.99
CA LEU A 88 21.72 -11.64 12.37
C LEU A 88 22.12 -12.79 13.31
N LEU A 89 23.25 -13.42 12.98
CA LEU A 89 23.63 -14.65 13.66
C LEU A 89 24.24 -14.43 15.06
N ASP A 90 24.58 -13.19 15.36
CA ASP A 90 25.19 -12.88 16.66
C ASP A 90 24.13 -12.47 17.66
N LEU A 91 24.25 -13.15 18.83
CA LEU A 91 23.42 -12.88 20.00
C LEU A 91 24.28 -12.57 21.25
N GLY A 92 25.36 -11.84 21.05
CA GLY A 92 26.25 -11.55 22.15
C GLY A 92 26.98 -10.25 22.00
N GLU A 93 28.28 -10.31 22.30
CA GLU A 93 29.07 -9.08 22.47
C GLU A 93 29.11 -8.22 21.20
N ARG A 94 29.10 -8.84 20.03
CA ARG A 94 29.11 -8.05 18.76
C ARG A 94 27.79 -7.24 18.54
N ARG A 95 26.66 -7.86 18.86
CA ARG A 95 25.36 -7.21 18.78
C ARG A 95 25.28 -6.10 19.84
N ILE A 96 25.81 -6.42 21.03
CA ILE A 96 25.85 -5.42 22.13
C ILE A 96 26.68 -4.21 21.70
N ALA A 97 27.87 -4.49 21.13
CA ALA A 97 28.73 -3.38 20.62
C ALA A 97 27.99 -2.50 19.59
N ASP A 98 27.27 -3.15 18.66
CA ASP A 98 26.52 -2.38 17.69
C ASP A 98 25.39 -1.51 18.30
N MET A 99 24.72 -2.02 19.30
CA MET A 99 23.74 -1.31 20.05
C MET A 99 24.42 -0.19 20.83
N ASP A 100 25.51 -0.51 21.56
CA ASP A 100 26.23 0.59 22.26
C ASP A 100 26.60 1.74 21.35
N ALA A 101 27.06 1.44 20.15
CA ALA A 101 27.60 2.44 19.26
C ALA A 101 26.48 3.33 18.73
N THR A 102 25.22 2.90 18.81
CA THR A 102 24.08 3.71 18.30
C THR A 102 23.16 4.12 19.45
N GLY A 103 23.60 3.93 20.68
CA GLY A 103 22.85 4.39 21.82
C GLY A 103 21.55 3.62 22.08
N ILE A 104 21.49 2.36 21.63
CA ILE A 104 20.30 1.54 21.81
C ILE A 104 20.40 0.80 23.15
N ASP A 105 19.52 1.20 24.07
CA ASP A 105 19.49 0.60 25.40
C ASP A 105 19.01 -0.85 25.49
N LYS A 106 17.92 -1.09 24.74
CA LYS A 106 17.24 -2.38 24.77
C LYS A 106 16.75 -2.72 23.39
N ALA A 107 16.78 -4.01 23.07
CA ALA A 107 16.29 -4.49 21.78
C ALA A 107 15.30 -5.62 22.03
N ILE A 108 14.14 -5.52 21.35
CA ILE A 108 13.15 -6.57 21.35
C ILE A 108 13.39 -7.44 20.13
N LEU A 109 13.77 -8.67 20.38
CA LEU A 109 14.36 -9.57 19.37
C LEU A 109 13.37 -10.64 18.95
N ALA A 110 13.38 -10.91 17.64
CA ALA A 110 12.61 -12.01 17.09
C ALA A 110 13.31 -12.68 15.94
N LEU A 111 13.05 -13.99 15.80
CA LEU A 111 13.58 -14.79 14.69
C LEU A 111 13.20 -14.19 13.38
N THR A 112 14.21 -14.05 12.54
CA THR A 112 14.00 -13.33 11.28
C THR A 112 13.05 -14.04 10.37
N SER A 113 12.32 -13.24 9.60
CA SER A 113 11.31 -13.77 8.66
C SER A 113 11.94 -14.61 7.61
N PRO A 114 11.30 -15.72 7.20
CA PRO A 114 9.97 -16.18 7.53
C PRO A 114 9.89 -17.19 8.68
N GLY A 115 10.94 -17.25 9.50
CA GLY A 115 10.98 -18.19 10.62
C GLY A 115 10.84 -19.62 10.10
N VAL A 116 10.06 -20.43 10.83
CA VAL A 116 9.86 -21.80 10.39
C VAL A 116 8.53 -22.00 9.65
N GLN A 117 7.84 -20.89 9.39
CA GLN A 117 6.53 -20.92 8.76
C GLN A 117 6.49 -21.64 7.41
N PRO A 118 7.58 -21.55 6.60
CA PRO A 118 7.51 -22.24 5.27
C PRO A 118 7.73 -23.75 5.30
N LEU A 119 8.11 -24.28 6.45
CA LEU A 119 8.58 -25.66 6.50
C LEU A 119 7.42 -26.62 6.37
N HIS A 120 7.62 -27.58 5.46
CA HIS A 120 6.58 -28.61 5.20
C HIS A 120 6.54 -29.77 6.23
N ASP A 121 7.69 -30.03 6.86
CA ASP A 121 7.85 -31.13 7.86
C ASP A 121 7.51 -30.53 9.24
N LEU A 122 6.33 -30.86 9.75
CA LEU A 122 5.81 -30.26 10.98
C LEU A 122 6.77 -30.56 12.16
N ASP A 123 7.26 -31.81 12.25
CA ASP A 123 8.18 -32.17 13.31
C ASP A 123 9.43 -31.30 13.25
N GLU A 124 9.91 -31.04 12.04
CA GLU A 124 11.12 -30.22 11.88
C GLU A 124 10.83 -28.77 12.29
N ALA A 125 9.66 -28.25 11.86
CA ALA A 125 9.28 -26.86 12.22
C ALA A 125 9.18 -26.69 13.74
N ARG A 126 8.49 -27.62 14.41
CA ARG A 126 8.34 -27.54 15.86
C ARG A 126 9.70 -27.66 16.52
N THR A 127 10.53 -28.60 16.09
CA THR A 127 11.90 -28.75 16.68
C THR A 127 12.74 -27.47 16.55
N LEU A 128 12.78 -26.94 15.36
CA LEU A 128 13.60 -25.77 15.10
C LEU A 128 13.09 -24.51 15.80
N ALA A 129 11.78 -24.37 15.84
CA ALA A 129 11.18 -23.26 16.59
C ALA A 129 11.51 -23.38 18.07
N THR A 130 11.35 -24.59 18.61
CA THR A 130 11.74 -24.85 20.02
C THR A 130 13.17 -24.39 20.27
N ARG A 131 14.08 -24.84 19.41
CA ARG A 131 15.50 -24.51 19.55
C ARG A 131 15.79 -23.01 19.45
N ALA A 132 15.14 -22.36 18.49
CA ALA A 132 15.31 -20.95 18.33
C ALA A 132 14.80 -20.17 19.55
N ASN A 133 13.65 -20.58 20.06
CA ASN A 133 13.17 -20.01 21.27
C ASN A 133 14.09 -20.22 22.47
N ASP A 134 14.60 -21.41 22.64
CA ASP A 134 15.52 -21.66 23.80
C ASP A 134 16.82 -20.86 23.61
N THR A 135 17.31 -20.74 22.37
CA THR A 135 18.50 -19.95 22.08
C THR A 135 18.30 -18.46 22.47
N LEU A 136 17.15 -17.94 22.07
CA LEU A 136 16.80 -16.56 22.38
C LEU A 136 16.69 -16.38 23.89
N ALA A 137 15.99 -17.28 24.56
CA ALA A 137 15.84 -17.21 26.00
C ALA A 137 17.21 -17.17 26.70
N ASP A 138 18.11 -18.03 26.26
CA ASP A 138 19.44 -18.07 26.82
C ASP A 138 20.12 -16.72 26.70
N ALA A 139 20.01 -16.12 25.54
CA ALA A 139 20.61 -14.80 25.34
C ALA A 139 20.03 -13.73 26.18
N CYS A 140 18.71 -13.71 26.33
CA CYS A 140 18.07 -12.78 27.17
C CYS A 140 18.44 -12.98 28.64
N GLN A 141 18.57 -14.22 29.06
CA GLN A 141 19.06 -14.50 30.44
C GLN A 141 20.47 -13.95 30.64
N LYS A 142 21.31 -13.97 29.59
CA LYS A 142 22.70 -13.53 29.73
C LYS A 142 22.83 -12.01 29.69
N TYR A 143 21.94 -11.37 28.96
CA TYR A 143 21.92 -9.91 28.84
C TYR A 143 20.56 -9.35 29.18
N PRO A 144 20.14 -9.47 30.44
CA PRO A 144 18.75 -9.21 30.76
C PRO A 144 18.34 -7.73 30.76
N ASP A 145 19.30 -6.83 30.81
CA ASP A 145 19.05 -5.39 30.74
C ASP A 145 19.09 -4.89 29.31
N ARG A 146 19.48 -5.74 28.37
CA ARG A 146 19.68 -5.31 26.95
C ARG A 146 18.72 -6.02 25.95
N PHE A 147 18.49 -7.33 26.17
CA PHE A 147 17.74 -8.13 25.21
C PHE A 147 16.41 -8.56 25.82
N ILE A 148 15.36 -8.44 25.03
CA ILE A 148 13.96 -8.78 25.39
C ILE A 148 13.48 -9.66 24.23
N GLY A 149 12.84 -10.79 24.54
CA GLY A 149 12.47 -11.71 23.51
C GLY A 149 10.96 -11.78 23.14
N MET A 150 10.73 -11.99 21.83
CA MET A 150 9.38 -12.35 21.30
C MET A 150 9.58 -13.77 20.75
N GLY A 151 8.65 -14.66 21.06
CA GLY A 151 8.73 -16.01 20.57
C GLY A 151 8.34 -16.20 19.11
N THR A 152 8.88 -17.28 18.55
CA THR A 152 8.55 -17.73 17.22
C THR A 152 7.66 -18.97 17.32
N VAL A 153 6.71 -19.09 16.41
CA VAL A 153 5.81 -20.23 16.41
C VAL A 153 5.72 -20.91 15.01
N ALA A 154 4.87 -21.89 14.92
CA ALA A 154 4.69 -22.68 13.70
C ALA A 154 3.20 -22.76 13.40
N PRO A 155 2.63 -21.75 12.73
CA PRO A 155 1.18 -21.72 12.65
C PRO A 155 0.59 -22.85 11.82
N GLN A 156 1.44 -23.55 11.09
CA GLN A 156 1.12 -24.84 10.44
CA GLN A 156 0.97 -24.73 10.41
C GLN A 156 0.46 -25.78 11.45
N ASP A 157 0.86 -25.61 12.73
CA ASP A 157 0.36 -26.37 13.86
C ASP A 157 -0.15 -25.37 14.89
N PRO A 158 -1.41 -24.96 14.77
CA PRO A 158 -1.90 -23.90 15.67
C PRO A 158 -1.96 -24.34 17.14
N GLU A 159 -2.25 -25.61 17.35
CA GLU A 159 -2.39 -26.07 18.74
C GLU A 159 -1.01 -26.15 19.40
N TRP A 160 0.00 -26.69 18.70
CA TRP A 160 1.39 -26.60 19.21
C TRP A 160 1.75 -25.15 19.50
N SER A 161 1.43 -24.29 18.53
CA SER A 161 1.77 -22.89 18.67
C SER A 161 1.18 -22.25 19.93
N ALA A 162 -0.07 -22.63 20.24
CA ALA A 162 -0.71 -22.21 21.47
C ALA A 162 0.09 -22.61 22.73
N ARG A 163 0.55 -23.84 22.73
CA ARG A 163 1.39 -24.34 23.85
C ARG A 163 2.72 -23.60 23.91
N GLU A 164 3.28 -23.28 22.74
CA GLU A 164 4.56 -22.51 22.69
C GLU A 164 4.39 -21.08 23.14
N ILE A 165 3.23 -20.52 22.93
CA ILE A 165 2.87 -19.23 23.50
C ILE A 165 2.80 -19.32 25.02
N HIS A 166 2.19 -20.37 25.56
CA HIS A 166 2.22 -20.63 27.00
C HIS A 166 3.66 -20.63 27.49
N ARG A 167 4.49 -21.43 26.84
CA ARG A 167 5.87 -21.65 27.26
C ARG A 167 6.69 -20.40 27.21
N GLY A 168 6.54 -19.63 26.13
CA GLY A 168 7.35 -18.41 26.09
C GLY A 168 6.98 -17.40 27.13
N ALA A 169 5.67 -17.29 27.44
CA ALA A 169 5.20 -16.27 28.38
C ALA A 169 5.51 -16.72 29.82
N ARG A 170 5.38 -18.03 30.09
CA ARG A 170 5.41 -18.50 31.49
C ARG A 170 6.73 -19.09 31.93
N GLU A 171 7.48 -19.67 30.97
CA GLU A 171 8.80 -20.23 31.25
C GLU A 171 10.01 -19.44 30.75
N LEU A 172 9.89 -18.86 29.54
CA LEU A 172 11.02 -18.21 28.88
C LEU A 172 11.14 -16.71 29.08
N GLY A 173 10.15 -16.06 29.68
CA GLY A 173 10.26 -14.63 29.91
C GLY A 173 9.99 -13.75 28.67
N PHE A 174 9.42 -14.33 27.62
CA PHE A 174 9.11 -13.57 26.45
C PHE A 174 7.92 -12.66 26.67
N LYS A 175 7.82 -11.64 25.83
CA LYS A 175 6.76 -10.63 26.00
C LYS A 175 5.63 -10.71 24.94
N GLY A 176 5.71 -11.73 24.09
CA GLY A 176 4.73 -11.86 23.01
C GLY A 176 5.33 -12.77 21.98
N ILE A 177 4.72 -12.75 20.78
CA ILE A 177 5.22 -13.54 19.66
C ILE A 177 5.25 -12.64 18.42
N GLN A 178 6.10 -13.03 17.51
CA GLN A 178 6.15 -12.48 16.17
C GLN A 178 5.77 -13.57 15.20
N ILE A 179 4.76 -13.27 14.36
CA ILE A 179 4.41 -14.13 13.23
C ILE A 179 4.78 -13.37 11.98
N ASN A 180 5.50 -14.09 11.08
CA ASN A 180 6.01 -13.54 9.85
C ASN A 180 5.00 -13.65 8.72
N SER A 181 3.93 -12.91 8.93
CA SER A 181 2.77 -12.85 8.04
C SER A 181 2.27 -14.26 7.64
N HIS A 182 2.08 -14.53 6.35
CA HIS A 182 1.39 -15.74 5.94
C HIS A 182 2.16 -16.99 6.27
N THR A 183 1.45 -18.07 6.51
CA THR A 183 2.07 -19.42 6.57
C THR A 183 1.67 -20.22 5.36
N GLN A 184 2.61 -20.43 4.45
CA GLN A 184 2.38 -21.25 3.26
C GLN A 184 1.09 -20.82 2.54
N GLY A 185 0.96 -19.48 2.44
CA GLY A 185 -0.11 -18.87 1.63
C GLY A 185 -1.42 -18.71 2.35
N ARG A 186 -1.45 -19.09 3.63
CA ARG A 186 -2.63 -19.02 4.46
C ARG A 186 -2.52 -17.89 5.48
N TYR A 187 -3.65 -17.20 5.77
CA TYR A 187 -3.70 -16.04 6.60
C TYR A 187 -4.44 -16.32 7.91
N LEU A 188 -4.13 -15.54 8.93
CA LEU A 188 -4.57 -15.79 10.31
C LEU A 188 -6.04 -15.56 10.58
N ASP A 189 -6.77 -15.01 9.62
CA ASP A 189 -8.21 -14.85 9.76
C ASP A 189 -8.95 -16.16 9.61
N GLU A 190 -8.34 -17.19 9.02
CA GLU A 190 -8.95 -18.53 8.99
C GLU A 190 -9.22 -19.08 10.38
N GLU A 191 -10.39 -19.71 10.58
CA GLU A 191 -10.74 -20.31 11.84
C GLU A 191 -9.65 -21.31 12.31
N PHE A 192 -9.00 -21.95 11.35
CA PHE A 192 -7.90 -22.95 11.66
C PHE A 192 -6.90 -22.39 12.68
N PHE A 193 -6.58 -21.09 12.49
CA PHE A 193 -5.55 -20.45 13.36
C PHE A 193 -6.01 -19.94 14.72
N ASP A 194 -7.32 -20.08 15.00
CA ASP A 194 -7.88 -19.49 16.24
C ASP A 194 -7.12 -19.87 17.53
N PRO A 195 -6.57 -21.11 17.65
CA PRO A 195 -5.92 -21.36 18.93
C PRO A 195 -4.77 -20.40 19.27
N ILE A 196 -4.13 -19.86 18.24
CA ILE A 196 -3.10 -18.82 18.47
C ILE A 196 -3.64 -17.60 19.20
N PHE A 197 -4.80 -17.10 18.76
CA PHE A 197 -5.44 -15.95 19.34
C PHE A 197 -5.93 -16.27 20.77
N ARG A 198 -6.51 -17.45 20.92
CA ARG A 198 -7.01 -17.87 22.25
C ARG A 198 -5.85 -17.85 23.20
N ALA A 199 -4.70 -18.37 22.76
CA ALA A 199 -3.56 -18.42 23.67
C ALA A 199 -2.99 -17.00 23.99
N LEU A 200 -2.93 -16.15 22.98
CA LEU A 200 -2.42 -14.80 23.21
C LEU A 200 -3.25 -14.04 24.23
N VAL A 201 -4.57 -14.20 24.14
CA VAL A 201 -5.47 -13.45 25.04
C VAL A 201 -5.39 -14.12 26.46
N GLU A 202 -5.16 -15.44 26.51
CA GLU A 202 -4.96 -16.14 27.78
C GLU A 202 -3.74 -15.66 28.54
N VAL A 203 -2.61 -15.51 27.83
CA VAL A 203 -1.39 -15.00 28.43
C VAL A 203 -1.30 -13.45 28.44
N ASP A 204 -2.28 -12.82 27.77
CA ASP A 204 -2.44 -11.40 27.67
C ASP A 204 -1.18 -10.74 27.08
N GLN A 205 -0.78 -11.19 25.92
CA GLN A 205 0.41 -10.64 25.22
C GLN A 205 0.09 -10.22 23.79
N PRO A 206 0.85 -9.28 23.28
CA PRO A 206 0.66 -8.82 21.91
C PRO A 206 1.18 -9.77 20.87
N LEU A 207 0.61 -9.66 19.65
CA LEU A 207 1.13 -10.33 18.47
C LEU A 207 1.78 -9.24 17.62
N TYR A 208 3.01 -9.51 17.12
CA TYR A 208 3.66 -8.62 16.15
C TYR A 208 3.58 -9.33 14.81
N ILE A 209 2.85 -8.76 13.84
CA ILE A 209 2.82 -9.32 12.50
C ILE A 209 3.95 -8.63 11.72
N HIS A 210 5.04 -9.38 11.49
CA HIS A 210 6.16 -8.87 10.75
C HIS A 210 6.02 -9.29 9.30
N PRO A 211 6.60 -8.52 8.39
CA PRO A 211 6.52 -8.94 6.97
C PRO A 211 7.13 -10.28 6.62
N ALA A 212 6.72 -10.78 5.47
CA ALA A 212 7.38 -11.87 4.75
C ALA A 212 7.12 -11.52 3.28
N THR A 213 7.87 -12.20 2.41
CA THR A 213 7.54 -12.20 1.01
C THR A 213 6.11 -12.74 0.80
N SER A 214 5.46 -12.23 -0.23
CA SER A 214 4.15 -12.70 -0.62
C SER A 214 4.18 -14.16 -1.02
N PRO A 215 3.06 -14.86 -0.83
CA PRO A 215 3.06 -16.27 -1.32
C PRO A 215 3.05 -16.34 -2.83
N ASP A 216 3.28 -17.53 -3.37
CA ASP A 216 3.32 -17.74 -4.79
C ASP A 216 2.05 -17.27 -5.51
N SER A 217 0.89 -17.29 -4.82
CA SER A 217 -0.38 -16.86 -5.38
C SER A 217 -0.47 -15.32 -5.70
N MET A 218 0.45 -14.54 -5.17
CA MET A 218 0.43 -13.07 -5.32
C MET A 218 1.76 -12.44 -5.76
N ILE A 219 2.88 -13.16 -5.72
CA ILE A 219 4.16 -12.48 -5.80
C ILE A 219 4.59 -12.10 -7.23
N ASP A 220 4.03 -12.77 -8.25
CA ASP A 220 4.73 -12.70 -9.58
C ASP A 220 4.99 -11.26 -10.15
N PRO A 221 3.97 -10.38 -10.15
CA PRO A 221 4.23 -9.08 -10.78
C PRO A 221 5.19 -8.22 -9.96
N MET A 222 5.27 -8.45 -8.67
CA MET A 222 6.25 -7.75 -7.84
C MET A 222 7.65 -8.31 -8.03
N LEU A 223 7.79 -9.62 -7.97
CA LEU A 223 9.07 -10.29 -8.11
C LEU A 223 9.74 -9.94 -9.44
N GLU A 224 8.93 -9.92 -10.52
CA GLU A 224 9.52 -9.67 -11.86
C GLU A 224 10.09 -8.27 -12.01
N ALA A 225 9.64 -7.35 -11.14
CA ALA A 225 10.08 -5.98 -11.18
C ALA A 225 11.10 -5.65 -10.04
N GLY A 226 11.47 -6.62 -9.22
CA GLY A 226 12.39 -6.36 -8.11
C GLY A 226 11.70 -5.68 -6.93
N LEU A 227 10.39 -5.91 -6.81
CA LEU A 227 9.59 -5.20 -5.83
C LEU A 227 9.01 -6.09 -4.74
N ASP A 228 9.42 -7.36 -4.72
CA ASP A 228 8.79 -8.33 -3.81
C ASP A 228 9.15 -8.16 -2.31
N GLY A 229 10.30 -7.52 -2.07
CA GLY A 229 10.81 -7.39 -0.71
C GLY A 229 10.41 -6.12 0.02
N ALA A 230 11.32 -5.65 0.86
CA ALA A 230 11.04 -4.56 1.74
C ALA A 230 10.63 -3.30 1.02
N ILE A 231 11.07 -3.10 -0.22
CA ILE A 231 10.69 -1.86 -0.91
C ILE A 231 9.19 -1.74 -1.15
N PHE A 232 8.47 -2.86 -1.24
CA PHE A 232 7.06 -2.76 -1.67
C PHE A 232 6.25 -3.99 -1.22
N GLY A 233 6.65 -5.18 -1.70
CA GLY A 233 5.88 -6.40 -1.40
C GLY A 233 5.66 -6.69 0.05
N PHE A 234 6.65 -6.39 0.90
CA PHE A 234 6.48 -6.54 2.33
C PHE A 234 5.27 -5.77 2.85
N GLY A 235 5.15 -4.54 2.38
CA GLY A 235 4.03 -3.70 2.84
C GLY A 235 2.68 -4.15 2.33
N VAL A 236 2.66 -4.65 1.10
CA VAL A 236 1.43 -5.17 0.52
C VAL A 236 1.00 -6.37 1.37
N GLU A 237 1.91 -7.33 1.55
CA GLU A 237 1.60 -8.57 2.27
C GLU A 237 1.13 -8.31 3.71
N THR A 238 1.86 -7.47 4.42
CA THR A 238 1.63 -7.24 5.83
C THR A 238 0.38 -6.38 6.05
N GLY A 239 0.23 -5.32 5.25
CA GLY A 239 -0.96 -4.49 5.40
C GLY A 239 -2.20 -5.27 5.04
N MET A 240 -2.11 -6.11 3.99
CA MET A 240 -3.27 -6.95 3.65
C MET A 240 -3.63 -7.88 4.83
N HIS A 241 -2.60 -8.43 5.47
CA HIS A 241 -2.82 -9.39 6.56
C HIS A 241 -3.50 -8.70 7.75
N LEU A 242 -3.02 -7.53 8.15
CA LEU A 242 -3.58 -6.82 9.27
C LEU A 242 -5.01 -6.45 8.87
N LEU A 243 -5.18 -5.98 7.62
CA LEU A 243 -6.50 -5.47 7.24
C LEU A 243 -7.55 -6.63 7.26
N ARG A 244 -7.18 -7.78 6.68
CA ARG A 244 -8.09 -8.91 6.65
C ARG A 244 -8.43 -9.42 8.06
N LEU A 245 -7.52 -9.27 9.01
CA LEU A 245 -7.83 -9.58 10.41
C LEU A 245 -8.82 -8.59 11.01
N ILE A 246 -8.60 -7.30 10.74
CA ILE A 246 -9.56 -6.29 11.18
C ILE A 246 -10.97 -6.59 10.58
N THR A 247 -11.03 -6.84 9.28
CA THR A 247 -12.34 -6.95 8.59
C THR A 247 -13.08 -8.25 8.87
N ILE A 248 -12.35 -9.27 9.33
CA ILE A 248 -13.00 -10.51 9.75
C ILE A 248 -13.57 -10.37 11.16
N GLY A 249 -13.23 -9.31 11.86
CA GLY A 249 -13.70 -8.99 13.18
C GLY A 249 -12.88 -9.54 14.32
N ILE A 250 -11.57 -9.74 14.05
CA ILE A 250 -10.73 -10.32 15.14
C ILE A 250 -10.80 -9.55 16.47
N PHE A 251 -10.95 -8.22 16.43
CA PHE A 251 -11.00 -7.45 17.65
C PHE A 251 -12.36 -7.33 18.34
N ASP A 252 -13.39 -7.78 17.63
CA ASP A 252 -14.68 -8.00 18.23
C ASP A 252 -14.71 -9.33 18.96
N LYS A 253 -14.09 -10.35 18.30
CA LYS A 253 -13.94 -11.67 18.97
C LYS A 253 -13.01 -11.63 20.18
N TYR A 254 -11.94 -10.87 20.02
CA TYR A 254 -10.89 -10.73 21.03
C TYR A 254 -10.60 -9.24 21.38
N PRO A 255 -11.50 -8.59 22.12
CA PRO A 255 -11.35 -7.12 22.29
C PRO A 255 -10.08 -6.66 23.04
N SER A 256 -9.48 -7.56 23.82
CA SER A 256 -8.23 -7.24 24.50
C SER A 256 -6.98 -7.35 23.61
N LEU A 257 -7.10 -8.02 22.50
CA LEU A 257 -5.96 -8.33 21.68
C LEU A 257 -5.34 -7.09 21.09
N GLN A 258 -4.00 -7.01 21.22
CA GLN A 258 -3.21 -5.97 20.59
C GLN A 258 -2.32 -6.61 19.50
N ILE A 259 -2.43 -6.03 18.30
CA ILE A 259 -1.55 -6.44 17.20
C ILE A 259 -0.69 -5.25 16.81
N MET A 260 0.61 -5.52 16.81
CA MET A 260 1.65 -4.58 16.46
C MET A 260 2.11 -4.86 15.00
N VAL A 261 2.38 -3.79 14.26
CA VAL A 261 3.02 -3.84 12.95
C VAL A 261 4.08 -2.74 12.87
N GLY A 262 5.07 -2.99 12.06
CA GLY A 262 6.12 -2.06 11.82
C GLY A 262 5.93 -1.20 10.57
N HIS A 263 7.01 -0.54 10.17
CA HIS A 263 7.05 0.16 8.89
C HIS A 263 5.92 1.18 8.77
N MET A 264 5.68 1.89 9.86
CA MET A 264 4.74 2.97 9.92
C MET A 264 3.31 2.49 9.70
N GLY A 265 3.04 1.24 10.02
CA GLY A 265 1.67 0.72 9.92
C GLY A 265 1.35 0.09 8.57
N GLU A 266 2.37 -0.16 7.77
CA GLU A 266 2.19 -0.80 6.49
C GLU A 266 1.19 -0.06 5.65
N ALA A 267 1.33 1.25 5.64
CA ALA A 267 0.47 2.25 4.93
C ALA A 267 -0.96 2.35 5.41
N LEU A 268 -1.40 1.46 6.30
CA LEU A 268 -2.82 1.53 6.69
C LEU A 268 -3.24 2.86 7.30
N PRO A 269 -2.41 3.51 8.15
CA PRO A 269 -2.83 4.80 8.68
C PRO A 269 -3.08 5.87 7.59
N TYR A 270 -2.24 5.87 6.55
CA TYR A 270 -2.39 6.77 5.47
C TYR A 270 -3.63 6.51 4.67
N TRP A 271 -3.94 5.22 4.50
CA TRP A 271 -5.17 4.88 3.73
C TRP A 271 -6.47 4.95 4.54
N LEU A 272 -6.37 5.37 5.82
CA LEU A 272 -7.48 5.18 6.75
C LEU A 272 -8.82 5.68 6.25
N TYR A 273 -8.84 6.90 5.72
CA TYR A 273 -10.13 7.48 5.27
C TYR A 273 -10.76 6.59 4.21
N ARG A 274 -9.91 6.12 3.30
CA ARG A 274 -10.37 5.27 2.16
C ARG A 274 -10.75 3.86 2.65
N LEU A 275 -10.01 3.35 3.60
CA LEU A 275 -10.36 2.05 4.19
C LEU A 275 -11.74 2.11 4.77
N ASP A 276 -12.00 3.10 5.61
CA ASP A 276 -13.29 3.18 6.25
C ASP A 276 -14.44 3.41 5.24
N TYR A 277 -14.24 4.35 4.34
CA TYR A 277 -15.26 4.61 3.37
C TYR A 277 -15.62 3.37 2.56
N MET A 278 -14.63 2.71 2.01
CA MET A 278 -14.86 1.52 1.17
C MET A 278 -15.29 0.29 2.03
N HIS A 279 -14.79 0.14 3.26
CA HIS A 279 -15.29 -0.89 4.14
C HIS A 279 -16.80 -0.73 4.35
N GLN A 280 -17.20 0.43 4.78
CA GLN A 280 -18.60 0.70 4.99
C GLN A 280 -19.40 0.43 3.73
N ALA A 281 -18.95 0.86 2.57
CA ALA A 281 -19.69 0.61 1.33
C ALA A 281 -19.85 -0.89 1.12
N GLY A 282 -18.78 -1.61 1.35
CA GLY A 282 -18.80 -3.07 1.12
C GLY A 282 -19.75 -3.77 2.08
N VAL A 283 -19.70 -3.40 3.36
CA VAL A 283 -20.59 -3.93 4.39
C VAL A 283 -22.04 -3.71 4.01
N ARG A 284 -22.37 -2.49 3.74
CA ARG A 284 -23.79 -2.12 3.49
C ARG A 284 -24.33 -2.81 2.24
N SER A 285 -23.51 -2.98 1.20
CA SER A 285 -23.97 -3.53 -0.07
C SER A 285 -23.97 -5.06 -0.07
N GLN A 286 -23.52 -5.67 1.01
CA GLN A 286 -23.44 -7.16 1.13
C GLN A 286 -22.55 -7.76 0.01
N ARG A 287 -21.56 -7.01 -0.42
CA ARG A 287 -20.74 -7.44 -1.55
C ARG A 287 -19.97 -8.74 -1.28
N TYR A 288 -19.60 -8.94 -0.02
CA TYR A 288 -18.63 -9.99 0.30
C TYR A 288 -19.03 -10.81 1.54
N GLU A 289 -19.00 -12.14 1.38
CA GLU A 289 -19.23 -13.03 2.49
C GLU A 289 -18.43 -12.73 3.78
N ARG A 290 -17.18 -12.37 3.62
CA ARG A 290 -16.24 -12.23 4.75
C ARG A 290 -16.08 -10.74 5.18
N MET A 291 -17.02 -9.88 4.74
CA MET A 291 -17.04 -8.50 5.16
C MET A 291 -18.42 -8.13 5.73
N LYS A 292 -18.58 -8.42 7.03
CA LYS A 292 -19.85 -8.23 7.74
C LYS A 292 -19.68 -7.06 8.77
N PRO A 293 -20.78 -6.60 9.35
CA PRO A 293 -20.65 -5.41 10.24
C PRO A 293 -19.71 -5.68 11.42
N LEU A 294 -18.97 -4.64 11.76
CA LEU A 294 -18.05 -4.60 12.87
C LEU A 294 -18.53 -3.62 13.96
N LYS A 295 -18.11 -3.86 15.21
CA LYS A 295 -18.52 -2.98 16.30
C LYS A 295 -17.90 -1.61 16.28
N LYS A 296 -16.70 -1.50 15.69
CA LYS A 296 -16.03 -0.22 15.55
C LYS A 296 -15.69 0.05 14.10
N THR A 297 -15.36 1.30 13.80
CA THR A 297 -14.75 1.66 12.54
C THR A 297 -13.33 1.13 12.50
N ILE A 298 -12.75 1.11 11.33
CA ILE A 298 -11.33 0.75 11.22
C ILE A 298 -10.44 1.76 12.01
N GLU A 299 -10.79 3.01 11.95
CA GLU A 299 -10.16 4.04 12.77
C GLU A 299 -10.22 3.68 14.23
N GLY A 300 -11.39 3.26 14.68
CA GLY A 300 -11.58 2.86 16.06
C GLY A 300 -10.65 1.71 16.47
N TYR A 301 -10.49 0.69 15.62
CA TYR A 301 -9.55 -0.40 15.92
C TYR A 301 -8.11 0.07 15.91
N LEU A 302 -7.80 1.05 15.07
CA LEU A 302 -6.40 1.57 15.08
C LEU A 302 -6.11 2.29 16.39
N LYS A 303 -7.15 2.89 16.95
CA LYS A 303 -7.02 3.62 18.22
C LYS A 303 -7.07 2.75 19.47
N SER A 304 -7.56 1.51 19.33
CA SER A 304 -7.77 0.64 20.50
C SER A 304 -7.01 -0.68 20.52
N ASN A 305 -6.74 -1.22 19.35
CA ASN A 305 -6.23 -2.58 19.16
C ASN A 305 -4.95 -2.75 18.37
N VAL A 306 -4.63 -1.72 17.54
CA VAL A 306 -3.42 -1.79 16.70
C VAL A 306 -2.37 -0.85 17.27
N LEU A 307 -1.11 -1.25 17.14
CA LEU A 307 0.05 -0.50 17.57
C LEU A 307 1.09 -0.52 16.42
N VAL A 308 1.79 0.56 16.27
CA VAL A 308 2.68 0.77 15.15
C VAL A 308 4.07 1.10 15.64
N THR A 309 5.04 0.59 14.87
CA THR A 309 6.44 1.02 15.04
C THR A 309 6.91 1.71 13.78
N ASN A 310 8.02 2.46 13.87
CA ASN A 310 8.57 3.12 12.72
C ASN A 310 9.74 2.40 12.07
N SER A 311 9.81 1.06 12.24
CA SER A 311 10.93 0.33 11.66
C SER A 311 11.06 0.74 10.18
N GLY A 312 12.30 1.04 9.74
CA GLY A 312 12.56 1.38 8.39
C GLY A 312 12.10 2.72 7.93
N VAL A 313 11.43 3.47 8.84
CA VAL A 313 10.81 4.74 8.48
C VAL A 313 11.27 5.81 9.53
N ALA A 314 12.57 6.20 9.39
CA ALA A 314 13.17 7.18 10.21
C ALA A 314 12.91 8.56 9.62
N TRP A 315 11.60 8.90 9.66
CA TRP A 315 11.09 10.00 8.83
C TRP A 315 10.06 10.78 9.58
N GLU A 316 10.45 11.94 10.10
CA GLU A 316 9.61 12.73 11.02
C GLU A 316 8.16 13.00 10.58
N PRO A 317 7.95 13.39 9.29
CA PRO A 317 6.52 13.68 8.91
C PRO A 317 5.62 12.44 8.97
N ALA A 318 6.15 11.28 8.57
CA ALA A 318 5.40 10.02 8.60
C ALA A 318 5.10 9.61 10.07
N ILE A 319 6.12 9.72 10.93
CA ILE A 319 5.92 9.45 12.36
C ILE A 319 4.85 10.35 12.98
N LYS A 320 4.99 11.65 12.74
CA LYS A 320 4.01 12.62 13.30
C LYS A 320 2.60 12.40 12.76
N PHE A 321 2.52 12.02 11.47
CA PHE A 321 1.23 11.71 10.88
C PHE A 321 0.57 10.54 11.63
N CYS A 322 1.33 9.46 11.83
CA CYS A 322 0.81 8.32 12.59
CA CYS A 322 0.81 8.30 12.56
C CYS A 322 0.40 8.63 14.02
N GLN A 323 1.24 9.42 14.69
CA GLN A 323 0.93 9.83 16.04
C GLN A 323 -0.41 10.60 16.07
N GLN A 324 -0.62 11.47 15.05
CA GLN A 324 -1.83 12.28 15.03
C GLN A 324 -3.04 11.42 14.80
N VAL A 325 -2.91 10.48 13.86
CA VAL A 325 -4.05 9.64 13.45
C VAL A 325 -4.39 8.55 14.47
N MET A 326 -3.39 7.92 15.09
CA MET A 326 -3.66 6.81 15.97
C MET A 326 -3.53 7.13 17.43
N GLY A 327 -2.89 8.25 17.72
CA GLY A 327 -2.54 8.65 19.07
C GLY A 327 -1.08 8.39 19.37
N GLU A 328 -0.45 9.37 20.04
CA GLU A 328 1.00 9.29 20.29
C GLU A 328 1.39 8.13 21.20
N ASP A 329 0.40 7.63 21.96
CA ASP A 329 0.70 6.51 22.84
C ASP A 329 0.83 5.18 22.09
N ARG A 330 0.50 5.19 20.80
CA ARG A 330 0.41 3.93 20.01
C ARG A 330 1.45 3.78 18.94
N VAL A 331 2.49 4.63 18.99
CA VAL A 331 3.54 4.65 18.02
C VAL A 331 4.88 4.55 18.73
N MET A 332 5.68 3.58 18.30
CA MET A 332 6.95 3.23 18.96
C MET A 332 8.13 3.24 18.04
N TYR A 333 9.30 3.58 18.60
CA TYR A 333 10.56 3.51 17.87
C TYR A 333 10.99 2.04 17.63
N ALA A 334 11.47 1.77 16.44
CA ALA A 334 12.14 0.52 16.10
C ALA A 334 13.24 0.82 15.11
N MET A 335 14.34 0.07 15.21
CA MET A 335 15.47 0.26 14.29
C MET A 335 15.41 -0.66 13.06
N ASP A 336 14.88 -1.89 13.28
CA ASP A 336 14.97 -2.92 12.22
C ASP A 336 16.43 -3.37 12.01
N TYR A 337 17.16 -3.39 13.11
CA TYR A 337 18.52 -4.01 13.05
C TYR A 337 18.43 -5.48 12.72
N PRO A 338 19.34 -6.02 11.84
CA PRO A 338 20.44 -5.37 11.17
C PRO A 338 20.15 -4.95 9.72
N TYR A 339 18.88 -5.10 9.32
CA TYR A 339 18.47 -4.76 7.96
C TYR A 339 18.59 -3.27 7.66
N GLN A 340 18.47 -2.46 8.74
CA GLN A 340 18.60 -1.02 8.59
C GLN A 340 19.26 -0.45 9.82
N TYR A 341 20.57 -0.47 9.77
CA TYR A 341 21.40 -0.12 10.94
C TYR A 341 22.16 1.13 10.49
N VAL A 342 21.65 2.29 10.97
CA VAL A 342 22.10 3.57 10.44
C VAL A 342 22.15 4.55 11.58
N ALA A 343 23.37 4.87 12.04
CA ALA A 343 23.48 5.78 13.20
C ALA A 343 22.78 7.12 12.92
N ASP A 344 22.88 7.59 11.69
CA ASP A 344 22.29 8.91 11.37
C ASP A 344 20.75 8.87 11.51
N GLU A 345 20.15 7.69 11.34
CA GLU A 345 18.73 7.57 11.61
C GLU A 345 18.37 7.81 13.09
N VAL A 346 19.18 7.24 13.98
CA VAL A 346 18.99 7.45 15.40
C VAL A 346 19.13 8.94 15.73
N ARG A 347 20.16 9.56 15.14
CA ARG A 347 20.37 11.00 15.35
C ARG A 347 19.16 11.79 14.86
N ALA A 348 18.62 11.40 13.73
CA ALA A 348 17.43 12.11 13.18
C ALA A 348 16.22 11.98 14.09
N MET A 349 16.06 10.81 14.67
CA MET A 349 14.97 10.57 15.60
C MET A 349 15.14 11.37 16.88
N ASP A 350 16.36 11.36 17.40
CA ASP A 350 16.66 12.20 18.61
C ASP A 350 16.37 13.70 18.35
N ALA A 351 16.53 14.18 17.11
CA ALA A 351 16.37 15.57 16.76
C ALA A 351 14.96 16.04 16.34
N MET A 352 13.98 15.16 16.40
CA MET A 352 12.66 15.50 15.90
C MET A 352 12.08 16.64 16.72
N ASP A 353 11.22 17.42 16.03
CA ASP A 353 10.51 18.54 16.65
C ASP A 353 9.25 18.00 17.35
N MET A 354 9.47 17.52 18.55
CA MET A 354 8.50 16.90 19.42
C MET A 354 8.80 17.35 20.82
N SER A 355 7.77 17.39 21.71
CA SER A 355 8.04 17.67 23.10
C SER A 355 8.91 16.57 23.71
N ALA A 356 9.61 16.88 24.79
CA ALA A 356 10.33 15.87 25.54
C ALA A 356 9.41 14.72 25.93
N GLN A 357 8.18 15.08 26.32
CA GLN A 357 7.23 14.10 26.76
C GLN A 357 6.83 13.14 25.63
N THR A 358 6.50 13.68 24.47
CA THR A 358 6.19 12.81 23.29
C THR A 358 7.39 11.93 22.92
N LYS A 359 8.59 12.50 22.89
CA LYS A 359 9.77 11.75 22.49
C LYS A 359 10.02 10.60 23.47
N LYS A 360 9.79 10.81 24.75
CA LYS A 360 9.98 9.75 25.74
C LYS A 360 8.96 8.61 25.53
N LYS A 361 7.74 8.99 25.12
CA LYS A 361 6.76 7.95 24.82
C LYS A 361 7.24 7.10 23.63
N PHE A 362 7.65 7.81 22.59
CA PHE A 362 8.04 7.21 21.34
C PHE A 362 9.25 6.31 21.48
N PHE A 363 10.23 6.73 22.28
CA PHE A 363 11.47 5.92 22.38
C PHE A 363 11.44 4.84 23.49
N GLN A 364 10.66 5.07 24.55
CA GLN A 364 10.74 4.28 25.75
C GLN A 364 9.39 3.82 26.31
N THR A 365 8.54 4.74 26.76
CA THR A 365 7.49 4.33 27.66
C THR A 365 6.31 3.67 26.98
N ASN A 366 6.09 3.95 25.67
CA ASN A 366 5.07 3.20 24.94
C ASN A 366 5.47 1.71 24.91
N ALA A 367 6.71 1.42 24.57
CA ALA A 367 7.21 0.04 24.53
C ALA A 367 7.12 -0.59 25.93
N GLU A 368 7.45 0.18 26.96
CA GLU A 368 7.36 -0.36 28.32
C GLU A 368 5.94 -0.82 28.64
N LYS A 369 4.94 -0.02 28.22
CA LYS A 369 3.55 -0.33 28.43
C LYS A 369 3.10 -1.54 27.61
N TRP A 370 3.24 -1.44 26.29
CA TRP A 370 2.64 -2.45 25.41
C TRP A 370 3.31 -3.79 25.41
N PHE A 371 4.62 -3.82 25.68
CA PHE A 371 5.32 -5.10 25.82
C PHE A 371 5.39 -5.56 27.32
N LYS A 372 4.83 -4.75 28.24
CA LYS A 372 4.84 -5.08 29.68
C LYS A 372 6.27 -5.33 30.23
N LEU A 373 7.14 -4.37 29.98
CA LEU A 373 8.55 -4.56 30.32
C LEU A 373 8.84 -4.36 31.77
N GLN B 25 -23.41 24.57 4.85
CA GLN B 25 -22.48 25.12 3.83
C GLN B 25 -23.17 24.96 2.48
N ASP B 26 -23.42 26.05 1.78
CA ASP B 26 -23.97 25.97 0.45
C ASP B 26 -22.88 25.55 -0.51
N LEU B 27 -23.20 24.70 -1.48
CA LEU B 27 -22.21 24.33 -2.50
C LEU B 27 -22.73 24.92 -3.85
N LYS B 28 -22.07 25.94 -4.33
CA LYS B 28 -22.48 26.67 -5.49
C LYS B 28 -21.42 26.61 -6.57
N THR B 29 -21.85 26.50 -7.84
CA THR B 29 -20.98 26.71 -8.97
C THR B 29 -20.70 28.21 -9.08
N GLY B 30 -19.67 28.53 -9.83
CA GLY B 30 -19.36 29.90 -10.27
C GLY B 30 -18.18 30.56 -9.60
N GLY B 31 -17.58 29.88 -8.60
CA GLY B 31 -16.30 30.36 -8.04
C GLY B 31 -16.44 31.50 -7.02
N GLU B 32 -17.60 31.73 -6.49
CA GLU B 32 -17.75 32.88 -5.58
C GLU B 32 -16.89 32.71 -4.29
N GLN B 33 -16.66 31.47 -3.90
CA GLN B 33 -15.79 31.18 -2.76
C GLN B 33 -14.31 31.47 -2.92
N GLY B 34 -13.87 31.77 -4.14
CA GLY B 34 -12.49 32.15 -4.39
C GLY B 34 -11.75 31.26 -5.37
N TYR B 35 -12.43 30.22 -5.87
CA TYR B 35 -11.85 29.27 -6.79
C TYR B 35 -12.98 28.52 -7.47
N LEU B 36 -12.71 28.03 -8.66
CA LEU B 36 -13.58 27.00 -9.30
C LEU B 36 -13.20 25.66 -8.68
N ARG B 37 -14.15 24.77 -8.58
CA ARG B 37 -13.92 23.39 -8.19
C ARG B 37 -13.82 22.54 -9.45
N ILE B 38 -12.60 22.12 -9.78
CA ILE B 38 -12.28 21.29 -10.90
C ILE B 38 -11.98 19.86 -10.38
N ALA B 39 -12.90 18.93 -10.68
CA ALA B 39 -12.84 17.56 -10.22
C ALA B 39 -12.08 16.71 -11.27
N THR B 40 -10.94 16.18 -10.88
CA THR B 40 -9.97 15.64 -11.84
C THR B 40 -9.90 14.10 -12.03
N GLU B 41 -10.85 13.37 -11.45
CA GLU B 41 -10.90 11.90 -11.69
C GLU B 41 -12.36 11.41 -11.70
N GLU B 42 -13.05 11.73 -12.79
CA GLU B 42 -14.50 11.55 -12.83
C GLU B 42 -14.82 10.57 -13.95
N ALA B 43 -15.76 9.65 -13.68
CA ALA B 43 -15.89 8.45 -14.54
C ALA B 43 -17.25 8.48 -15.31
N PHE B 44 -17.21 7.83 -16.47
CA PHE B 44 -18.40 7.50 -17.23
C PHE B 44 -18.25 6.12 -17.83
N ALA B 45 -19.39 5.56 -18.28
CA ALA B 45 -19.41 4.24 -18.92
C ALA B 45 -20.17 4.36 -20.23
N THR B 46 -19.96 3.34 -21.06
CA THR B 46 -20.86 3.13 -22.21
C THR B 46 -21.56 1.80 -22.06
N ARG B 47 -22.85 1.82 -22.47
CA ARG B 47 -23.64 0.60 -22.38
C ARG B 47 -22.98 -0.54 -23.19
N GLU B 48 -22.44 -0.24 -24.36
CA GLU B 48 -21.85 -1.29 -25.18
CA GLU B 48 -21.85 -1.32 -25.17
C GLU B 48 -20.66 -2.00 -24.49
N ILE B 49 -19.84 -1.23 -23.78
CA ILE B 49 -18.69 -1.77 -23.14
C ILE B 49 -19.10 -2.56 -21.87
N ILE B 50 -20.06 -2.04 -21.08
CA ILE B 50 -20.57 -2.82 -19.94
CA ILE B 50 -20.61 -2.82 -19.96
C ILE B 50 -21.17 -4.15 -20.47
N ASP B 51 -21.86 -4.10 -21.60
CA ASP B 51 -22.39 -5.35 -22.20
C ASP B 51 -21.33 -6.34 -22.56
N VAL B 52 -20.17 -5.86 -23.05
CA VAL B 52 -19.02 -6.75 -23.25
C VAL B 52 -18.55 -7.44 -21.94
N TYR B 53 -18.46 -6.65 -20.88
CA TYR B 53 -18.10 -7.23 -19.58
C TYR B 53 -19.05 -8.33 -19.17
N LEU B 54 -20.36 -8.08 -19.32
CA LEU B 54 -21.36 -9.07 -18.97
C LEU B 54 -21.20 -10.33 -19.83
N ARG B 55 -20.89 -10.14 -21.10
CA ARG B 55 -20.64 -11.25 -22.04
C ARG B 55 -19.47 -12.09 -21.60
N MET B 56 -18.37 -11.41 -21.24
CA MET B 56 -17.16 -12.10 -20.76
C MET B 56 -17.38 -12.83 -19.44
N ILE B 57 -18.20 -12.25 -18.58
CA ILE B 57 -18.55 -12.92 -17.31
C ILE B 57 -19.34 -14.22 -17.65
N ARG B 58 -20.33 -14.07 -18.53
CA ARG B 58 -21.19 -15.19 -18.87
C ARG B 58 -20.45 -16.34 -19.60
N ASP B 59 -19.51 -16.01 -20.46
CA ASP B 59 -18.75 -16.98 -21.26
C ASP B 59 -17.43 -17.49 -20.64
N GLY B 60 -17.08 -16.95 -19.47
CA GLY B 60 -15.93 -17.45 -18.71
C GLY B 60 -14.60 -16.88 -19.11
N THR B 61 -14.61 -15.88 -19.98
CA THR B 61 -13.34 -15.28 -20.41
C THR B 61 -12.96 -14.06 -19.54
N ALA B 62 -13.89 -13.56 -18.75
CA ALA B 62 -13.60 -12.53 -17.73
C ALA B 62 -12.60 -13.01 -16.71
N ASP B 63 -11.61 -12.17 -16.38
CA ASP B 63 -10.73 -12.46 -15.26
C ASP B 63 -11.43 -12.32 -13.94
N LYS B 64 -10.76 -12.75 -12.85
CA LYS B 64 -11.41 -12.73 -11.57
C LYS B 64 -11.80 -11.32 -11.06
N GLY B 65 -10.97 -10.37 -11.47
CA GLY B 65 -11.27 -9.01 -11.15
C GLY B 65 -12.51 -8.43 -11.81
N MET B 66 -12.69 -8.78 -13.07
CA MET B 66 -13.86 -8.37 -13.80
C MET B 66 -15.13 -9.00 -13.20
N VAL B 67 -15.02 -10.31 -12.91
CA VAL B 67 -16.15 -10.95 -12.29
C VAL B 67 -16.50 -10.25 -11.00
N SER B 68 -15.50 -9.96 -10.18
CA SER B 68 -15.75 -9.31 -8.92
C SER B 68 -16.33 -7.87 -9.06
N LEU B 69 -15.64 -7.04 -9.85
CA LEU B 69 -15.95 -5.62 -9.92
C LEU B 69 -17.22 -5.39 -10.72
N TRP B 70 -17.25 -5.95 -11.92
CA TRP B 70 -18.36 -5.70 -12.82
C TRP B 70 -19.54 -6.66 -12.61
N GLY B 71 -19.28 -7.88 -12.09
CA GLY B 71 -20.36 -8.64 -11.62
C GLY B 71 -21.15 -7.85 -10.57
N PHE B 72 -20.45 -7.10 -9.72
CA PHE B 72 -21.12 -6.27 -8.75
C PHE B 72 -21.78 -5.06 -9.39
N TYR B 73 -21.01 -4.19 -10.03
CA TYR B 73 -21.60 -2.90 -10.45
C TYR B 73 -22.69 -3.06 -11.52
N ALA B 74 -22.57 -4.08 -12.38
CA ALA B 74 -23.52 -4.21 -13.48
C ALA B 74 -24.69 -5.11 -13.14
N GLN B 75 -24.60 -5.88 -12.03
CA GLN B 75 -25.63 -6.86 -11.69
C GLN B 75 -26.15 -6.79 -10.27
N SER B 76 -25.43 -6.11 -9.38
CA SER B 76 -25.83 -6.08 -8.01
C SER B 76 -27.15 -5.34 -7.96
N PRO B 77 -28.09 -5.82 -7.14
CA PRO B 77 -29.29 -5.05 -6.96
C PRO B 77 -29.07 -3.98 -5.86
N SER B 78 -27.86 -3.90 -5.28
CA SER B 78 -27.60 -2.93 -4.21
C SER B 78 -27.85 -1.53 -4.60
N GLU B 79 -28.35 -0.76 -3.63
CA GLU B 79 -28.61 0.69 -3.88
C GLU B 79 -27.41 1.46 -4.35
N ARG B 80 -26.22 1.18 -3.78
CA ARG B 80 -25.05 1.87 -4.24
C ARG B 80 -24.81 1.56 -5.75
N ALA B 81 -24.79 0.27 -6.08
CA ALA B 81 -24.48 -0.18 -7.45
C ALA B 81 -25.41 0.38 -8.58
N THR B 82 -26.70 0.30 -8.35
CA THR B 82 -27.72 0.69 -9.29
CA THR B 82 -27.73 0.66 -9.31
C THR B 82 -27.63 2.17 -9.66
N GLN B 83 -27.48 3.01 -8.63
CA GLN B 83 -27.37 4.44 -8.87
C GLN B 83 -26.04 4.81 -9.53
N ILE B 84 -25.01 4.11 -9.14
CA ILE B 84 -23.70 4.33 -9.76
C ILE B 84 -23.73 4.01 -11.25
N LEU B 85 -24.36 2.88 -11.63
CA LEU B 85 -24.39 2.49 -13.05
C LEU B 85 -25.19 3.58 -13.83
N GLU B 86 -26.34 4.03 -13.30
CA GLU B 86 -27.13 5.03 -14.03
C GLU B 86 -26.30 6.31 -14.21
N ARG B 87 -25.63 6.72 -13.12
CA ARG B 87 -24.85 7.98 -13.22
C ARG B 87 -23.66 7.80 -14.20
N LEU B 88 -22.99 6.67 -14.14
CA LEU B 88 -21.91 6.40 -15.08
C LEU B 88 -22.35 6.58 -16.55
N LEU B 89 -23.55 6.12 -16.86
CA LEU B 89 -24.02 6.10 -18.23
C LEU B 89 -24.43 7.47 -18.77
N ASP B 90 -24.73 8.39 -17.87
CA ASP B 90 -25.18 9.72 -18.26
C ASP B 90 -24.00 10.67 -18.56
N LEU B 91 -24.07 11.32 -19.67
CA LEU B 91 -23.10 12.35 -20.11
C LEU B 91 -23.84 13.64 -20.47
N GLY B 92 -24.90 13.93 -19.73
CA GLY B 92 -25.76 15.10 -20.02
C GLY B 92 -26.34 15.78 -18.82
N GLU B 93 -27.63 16.02 -18.84
CA GLU B 93 -28.24 16.95 -17.94
C GLU B 93 -28.24 16.39 -16.53
N ARG B 94 -28.35 15.07 -16.37
CA ARG B 94 -28.31 14.51 -14.97
C ARG B 94 -26.94 14.72 -14.36
N ARG B 95 -25.91 14.39 -15.11
CA ARG B 95 -24.57 14.61 -14.63
C ARG B 95 -24.36 16.07 -14.30
N ILE B 96 -24.74 16.97 -15.21
CA ILE B 96 -24.66 18.40 -14.91
C ILE B 96 -25.36 18.78 -13.63
N ALA B 97 -26.60 18.30 -13.44
CA ALA B 97 -27.35 18.53 -12.20
C ALA B 97 -26.60 18.07 -10.96
N ASP B 98 -26.00 16.89 -11.07
CA ASP B 98 -25.27 16.35 -9.94
C ASP B 98 -24.03 17.17 -9.62
N MET B 99 -23.41 17.71 -10.63
CA MET B 99 -22.28 18.60 -10.44
C MET B 99 -22.75 19.93 -9.84
N ASP B 100 -23.84 20.49 -10.36
CA ASP B 100 -24.38 21.76 -9.86
C ASP B 100 -24.72 21.62 -8.35
N ALA B 101 -25.26 20.46 -7.99
CA ALA B 101 -25.72 20.24 -6.64
C ALA B 101 -24.57 20.14 -5.63
N THR B 102 -23.35 19.86 -6.14
CA THR B 102 -22.18 19.79 -5.27
C THR B 102 -21.15 20.87 -5.59
N GLY B 103 -21.53 21.90 -6.37
CA GLY B 103 -20.70 23.04 -6.67
C GLY B 103 -19.51 22.71 -7.53
N ILE B 104 -19.60 21.61 -8.35
CA ILE B 104 -18.51 21.20 -9.18
C ILE B 104 -18.61 21.94 -10.50
N ASP B 105 -17.64 22.79 -10.74
CA ASP B 105 -17.57 23.61 -11.93
C ASP B 105 -17.20 22.84 -13.21
N LYS B 106 -16.15 22.03 -13.12
CA LYS B 106 -15.64 21.25 -14.25
CA LYS B 106 -15.65 21.25 -14.26
C LYS B 106 -15.26 19.87 -13.79
N ALA B 107 -15.45 18.91 -14.65
CA ALA B 107 -15.14 17.51 -14.40
C ALA B 107 -14.23 17.07 -15.56
N ILE B 108 -13.16 16.38 -15.22
CA ILE B 108 -12.28 15.72 -16.15
C ILE B 108 -12.70 14.27 -16.22
N LEU B 109 -13.18 13.88 -17.39
CA LEU B 109 -13.93 12.63 -17.58
C LEU B 109 -13.12 11.60 -18.30
N ALA B 110 -13.27 10.36 -17.83
CA ALA B 110 -12.60 9.22 -18.48
C ALA B 110 -13.43 7.95 -18.35
N LEU B 111 -13.35 7.15 -19.43
CA LEU B 111 -13.99 5.84 -19.47
C LEU B 111 -13.63 4.99 -18.25
N THR B 112 -14.63 4.43 -17.61
CA THR B 112 -14.45 3.78 -16.32
C THR B 112 -13.61 2.52 -16.43
N SER B 113 -12.84 2.24 -15.40
CA SER B 113 -11.93 1.10 -15.41
C SER B 113 -12.74 -0.23 -15.49
N PRO B 114 -12.29 -1.18 -16.29
CA PRO B 114 -10.94 -1.28 -16.89
C PRO B 114 -10.94 -0.90 -18.38
N GLY B 115 -11.95 -0.17 -18.83
CA GLY B 115 -12.00 0.26 -20.20
C GLY B 115 -12.06 -0.93 -21.15
N VAL B 116 -11.36 -0.82 -22.29
CA VAL B 116 -11.31 -1.94 -23.25
C VAL B 116 -10.06 -2.80 -23.04
N GLN B 117 -9.29 -2.56 -21.99
CA GLN B 117 -8.02 -3.23 -21.78
C GLN B 117 -8.12 -4.78 -21.62
N PRO B 118 -9.23 -5.28 -21.04
CA PRO B 118 -9.33 -6.72 -20.88
C PRO B 118 -9.75 -7.48 -22.12
N LEU B 119 -10.09 -6.79 -23.19
CA LEU B 119 -10.78 -7.44 -24.33
C LEU B 119 -9.79 -8.23 -25.14
N HIS B 120 -10.23 -9.42 -25.54
CA HIS B 120 -9.43 -10.32 -26.35
C HIS B 120 -9.55 -10.14 -27.85
N ASP B 121 -10.64 -9.53 -28.33
CA ASP B 121 -10.82 -9.30 -29.76
C ASP B 121 -10.39 -7.86 -29.98
N LEU B 122 -9.21 -7.68 -30.57
CA LEU B 122 -8.70 -6.34 -30.72
C LEU B 122 -9.52 -5.47 -31.67
N ASP B 123 -10.14 -6.06 -32.67
CA ASP B 123 -11.06 -5.28 -33.50
C ASP B 123 -12.18 -4.66 -32.65
N GLU B 124 -12.74 -5.48 -31.79
CA GLU B 124 -13.76 -5.02 -30.88
C GLU B 124 -13.21 -3.94 -29.95
N ALA B 125 -12.04 -4.19 -29.38
CA ALA B 125 -11.43 -3.18 -28.47
C ALA B 125 -11.22 -1.83 -29.14
N ARG B 126 -10.62 -1.85 -30.30
CA ARG B 126 -10.37 -0.66 -31.07
C ARG B 126 -11.68 0.04 -31.47
N THR B 127 -12.67 -0.72 -31.91
CA THR B 127 -13.95 -0.15 -32.34
C THR B 127 -14.70 0.50 -31.16
N LEU B 128 -14.71 -0.20 -30.04
CA LEU B 128 -15.44 0.33 -28.87
C LEU B 128 -14.71 1.51 -28.20
N ALA B 129 -13.37 1.47 -28.18
CA ALA B 129 -12.60 2.62 -27.67
C ALA B 129 -12.78 3.85 -28.59
N THR B 130 -12.79 3.64 -29.92
CA THR B 130 -13.08 4.73 -30.85
C THR B 130 -14.47 5.33 -30.56
N ARG B 131 -15.45 4.46 -30.37
CA ARG B 131 -16.82 4.88 -30.11
C ARG B 131 -16.92 5.66 -28.79
N ALA B 132 -16.27 5.14 -27.75
CA ALA B 132 -16.27 5.80 -26.46
C ALA B 132 -15.61 7.18 -26.51
N ASN B 133 -14.50 7.26 -27.21
CA ASN B 133 -13.83 8.54 -27.42
C ASN B 133 -14.67 9.51 -28.22
N ASP B 134 -15.33 9.01 -29.26
CA ASP B 134 -16.24 9.86 -30.03
C ASP B 134 -17.40 10.40 -29.17
N THR B 135 -17.93 9.51 -28.32
CA THR B 135 -19.04 9.87 -27.47
C THR B 135 -18.64 10.95 -26.47
N LEU B 136 -17.48 10.76 -25.87
CA LEU B 136 -16.94 11.71 -24.93
C LEU B 136 -16.69 13.06 -25.59
N ALA B 137 -16.10 13.00 -26.80
CA ALA B 137 -15.83 14.27 -27.54
C ALA B 137 -17.15 15.04 -27.80
N ASP B 138 -18.17 14.32 -28.18
CA ASP B 138 -19.48 14.91 -28.43
C ASP B 138 -20.06 15.59 -27.16
N ALA B 139 -19.90 14.91 -26.03
CA ALA B 139 -20.43 15.42 -24.78
C ALA B 139 -19.70 16.70 -24.38
N CYS B 140 -18.36 16.68 -24.49
CA CYS B 140 -17.52 17.82 -24.13
C CYS B 140 -17.84 19.01 -25.03
N GLN B 141 -18.19 18.73 -26.27
CA GLN B 141 -18.62 19.79 -27.18
C GLN B 141 -19.94 20.44 -26.76
N LYS B 142 -20.83 19.64 -26.20
CA LYS B 142 -22.16 20.08 -25.76
C LYS B 142 -22.09 20.95 -24.48
N TYR B 143 -21.12 20.63 -23.64
CA TYR B 143 -20.95 21.30 -22.35
C TYR B 143 -19.48 21.71 -22.17
N PRO B 144 -19.00 22.66 -22.98
CA PRO B 144 -17.57 22.86 -23.08
C PRO B 144 -16.96 23.58 -21.87
N ASP B 145 -17.82 24.26 -21.07
CA ASP B 145 -17.37 24.90 -19.87
C ASP B 145 -17.49 23.97 -18.65
N ARG B 146 -18.00 22.76 -18.82
CA ARG B 146 -18.21 21.80 -17.69
C ARG B 146 -17.49 20.50 -17.82
N PHE B 147 -17.33 20.00 -19.03
CA PHE B 147 -16.77 18.68 -19.26
C PHE B 147 -15.45 18.79 -20.02
N ILE B 148 -14.44 18.06 -19.56
CA ILE B 148 -13.13 18.02 -20.18
C ILE B 148 -12.78 16.54 -20.31
N GLY B 149 -12.25 16.14 -21.46
CA GLY B 149 -12.07 14.71 -21.80
C GLY B 149 -10.63 14.23 -21.70
N MET B 150 -10.48 13.01 -21.17
CA MET B 150 -9.29 12.20 -21.30
C MET B 150 -9.62 10.99 -22.15
N GLY B 151 -8.75 10.68 -23.09
CA GLY B 151 -9.06 9.58 -23.99
C GLY B 151 -8.82 8.22 -23.35
N THR B 152 -9.46 7.21 -23.92
CA THR B 152 -9.23 5.82 -23.55
C THR B 152 -8.46 5.14 -24.69
N VAL B 153 -7.61 4.17 -24.39
CA VAL B 153 -6.86 3.46 -25.40
C VAL B 153 -6.91 1.96 -25.18
N ALA B 154 -6.18 1.22 -26.02
CA ALA B 154 -6.21 -0.27 -26.03
C ALA B 154 -4.72 -0.66 -26.08
N PRO B 155 -4.06 -0.71 -24.91
CA PRO B 155 -2.62 -0.95 -24.95
C PRO B 155 -2.22 -2.29 -25.57
N GLN B 156 -3.17 -3.20 -25.72
CA GLN B 156 -2.94 -4.43 -26.47
C GLN B 156 -2.32 -4.08 -27.85
N ASP B 157 -2.68 -2.90 -28.39
CA ASP B 157 -2.21 -2.43 -29.68
C ASP B 157 -1.58 -1.03 -29.49
N PRO B 158 -0.29 -1.01 -29.09
CA PRO B 158 0.32 0.26 -28.79
C PRO B 158 0.41 1.24 -29.97
N GLU B 159 0.51 0.70 -31.19
CA GLU B 159 0.51 1.52 -32.40
C GLU B 159 -0.81 2.26 -32.60
N TRP B 160 -1.89 1.52 -32.50
CA TRP B 160 -3.24 2.10 -32.58
C TRP B 160 -3.44 3.13 -31.45
N SER B 161 -3.00 2.73 -30.23
CA SER B 161 -3.07 3.64 -29.13
C SER B 161 -2.34 4.98 -29.34
N ALA B 162 -1.11 4.94 -29.84
CA ALA B 162 -0.39 6.11 -30.25
C ALA B 162 -1.20 6.96 -31.20
N ARG B 163 -1.81 6.34 -32.22
CA ARG B 163 -2.67 7.13 -33.19
C ARG B 163 -3.84 7.78 -32.46
N GLU B 164 -4.38 7.04 -31.48
CA GLU B 164 -5.57 7.54 -30.75
C GLU B 164 -5.22 8.68 -29.80
N ILE B 165 -4.01 8.63 -29.23
CA ILE B 165 -3.50 9.74 -28.47
C ILE B 165 -3.41 10.97 -29.36
N HIS B 166 -2.86 10.79 -30.56
CA HIS B 166 -2.79 11.92 -31.46
C HIS B 166 -4.20 12.43 -31.89
N ARG B 167 -5.10 11.49 -32.19
CA ARG B 167 -6.48 11.84 -32.60
C ARG B 167 -7.19 12.63 -31.48
N GLY B 168 -6.99 12.19 -30.26
CA GLY B 168 -7.62 12.91 -29.16
C GLY B 168 -7.09 14.33 -28.96
N ALA B 169 -5.78 14.52 -29.18
CA ALA B 169 -5.17 15.85 -29.01
C ALA B 169 -5.55 16.78 -30.15
N ARG B 170 -5.56 16.21 -31.35
CA ARG B 170 -5.77 16.97 -32.66
C ARG B 170 -7.20 17.28 -32.99
N GLU B 171 -8.06 16.28 -32.84
CA GLU B 171 -9.45 16.34 -33.29
C GLU B 171 -10.49 16.43 -32.20
N LEU B 172 -10.22 15.75 -31.06
CA LEU B 172 -11.23 15.54 -30.06
C LEU B 172 -11.26 16.50 -28.88
N GLY B 173 -10.23 17.34 -28.79
CA GLY B 173 -10.10 18.28 -27.68
C GLY B 173 -9.71 17.70 -26.34
N PHE B 174 -9.19 16.49 -26.36
CA PHE B 174 -8.81 15.83 -25.10
C PHE B 174 -7.51 16.40 -24.56
N LYS B 175 -7.35 16.20 -23.24
CA LYS B 175 -6.20 16.78 -22.51
C LYS B 175 -5.16 15.79 -22.11
N GLY B 176 -5.40 14.51 -22.42
CA GLY B 176 -4.48 13.44 -22.08
C GLY B 176 -5.24 12.16 -22.16
N ILE B 177 -4.68 11.08 -21.54
CA ILE B 177 -5.35 9.80 -21.55
C ILE B 177 -5.29 9.20 -20.19
N GLN B 178 -6.28 8.34 -19.91
CA GLN B 178 -6.33 7.44 -18.76
C GLN B 178 -6.12 6.02 -19.17
N ILE B 179 -5.13 5.39 -18.52
CA ILE B 179 -4.93 3.96 -18.69
C ILE B 179 -5.26 3.33 -17.35
N ASN B 180 -6.08 2.31 -17.40
CA ASN B 180 -6.61 1.60 -16.23
C ASN B 180 -5.70 0.51 -15.75
N SER B 181 -4.53 0.95 -15.36
CA SER B 181 -3.43 0.14 -14.89
C SER B 181 -3.09 -1.00 -15.92
N HIS B 182 -2.91 -2.23 -15.44
CA HIS B 182 -2.43 -3.33 -16.27
C HIS B 182 -3.37 -3.61 -17.44
N THR B 183 -2.80 -4.18 -18.49
CA THR B 183 -3.59 -4.72 -19.61
C THR B 183 -3.34 -6.22 -19.64
N GLN B 184 -4.35 -7.01 -19.21
CA GLN B 184 -4.22 -8.46 -19.21
C GLN B 184 -2.91 -8.94 -18.55
N GLY B 185 -2.60 -8.33 -17.42
CA GLY B 185 -1.45 -8.75 -16.63
C GLY B 185 -0.10 -8.29 -17.07
N ARG B 186 -0.10 -7.34 -18.03
CA ARG B 186 1.08 -6.80 -18.64
C ARG B 186 1.15 -5.29 -18.29
N TYR B 187 2.36 -4.83 -17.94
CA TYR B 187 2.53 -3.51 -17.31
C TYR B 187 3.32 -2.60 -18.25
N LEU B 188 3.16 -1.31 -18.04
CA LEU B 188 3.60 -0.27 -19.00
C LEU B 188 5.13 -0.10 -19.01
N ASP B 189 5.82 -0.66 -18.01
CA ASP B 189 7.26 -0.67 -18.04
C ASP B 189 7.89 -1.60 -19.06
N GLU B 190 7.04 -2.42 -19.66
CA GLU B 190 7.51 -3.30 -20.71
C GLU B 190 7.78 -2.47 -21.99
N GLU B 191 8.89 -2.79 -22.68
CA GLU B 191 9.30 -2.04 -23.85
C GLU B 191 8.20 -2.05 -24.97
N PHE B 192 7.41 -3.13 -25.02
CA PHE B 192 6.30 -3.25 -25.98
C PHE B 192 5.37 -2.02 -25.98
N PHE B 193 5.17 -1.43 -24.81
CA PHE B 193 4.22 -0.30 -24.68
C PHE B 193 4.80 1.09 -25.03
N ASP B 194 6.10 1.11 -25.40
CA ASP B 194 6.80 2.35 -25.62
C ASP B 194 6.08 3.33 -26.57
N PRO B 195 5.41 2.85 -27.62
CA PRO B 195 4.77 3.82 -28.52
C PRO B 195 3.75 4.74 -27.84
N ILE B 196 3.16 4.25 -26.74
CA ILE B 196 2.21 5.09 -25.98
C ILE B 196 2.92 6.27 -25.34
N PHE B 197 4.07 6.00 -24.74
CA PHE B 197 4.82 7.10 -24.12
C PHE B 197 5.41 8.07 -25.16
N ARG B 198 5.87 7.51 -26.27
CA ARG B 198 6.42 8.34 -27.36
C ARG B 198 5.30 9.32 -27.80
N ALA B 199 4.08 8.82 -27.98
CA ALA B 199 2.96 9.64 -28.46
C ALA B 199 2.58 10.69 -27.43
N LEU B 200 2.55 10.31 -26.14
CA LEU B 200 2.23 11.32 -25.09
C LEU B 200 3.21 12.48 -25.09
N VAL B 201 4.49 12.17 -25.22
CA VAL B 201 5.50 13.22 -25.23
C VAL B 201 5.39 14.07 -26.50
N GLU B 202 5.04 13.44 -27.63
CA GLU B 202 4.84 14.19 -28.87
C GLU B 202 3.70 15.23 -28.77
N VAL B 203 2.58 14.83 -28.14
CA VAL B 203 1.46 15.74 -27.93
C VAL B 203 1.60 16.57 -26.66
N ASP B 204 2.59 16.23 -25.83
CA ASP B 204 2.92 16.85 -24.55
C ASP B 204 1.73 16.80 -23.58
N GLN B 205 1.20 15.61 -23.40
CA GLN B 205 0.06 15.46 -22.49
C GLN B 205 0.34 14.45 -21.39
N PRO B 206 -0.37 14.58 -20.28
CA PRO B 206 -0.13 13.69 -19.20
C PRO B 206 -0.86 12.35 -19.36
N LEU B 207 -0.36 11.35 -18.64
CA LEU B 207 -0.99 10.04 -18.48
C LEU B 207 -1.57 9.95 -17.08
N TYR B 208 -2.86 9.63 -16.95
CA TYR B 208 -3.44 9.31 -15.64
C TYR B 208 -3.50 7.82 -15.54
N ILE B 209 -2.77 7.22 -14.60
CA ILE B 209 -2.88 5.79 -14.33
C ILE B 209 -3.94 5.57 -13.26
N HIS B 210 -5.12 5.18 -13.68
CA HIS B 210 -6.25 4.92 -12.81
C HIS B 210 -6.22 3.43 -12.35
N PRO B 211 -6.77 3.12 -11.16
CA PRO B 211 -6.75 1.68 -10.76
C PRO B 211 -7.54 0.76 -11.65
N ALA B 212 -7.18 -0.49 -11.51
CA ALA B 212 -7.97 -1.59 -11.94
C ALA B 212 -7.79 -2.68 -10.92
N THR B 213 -8.69 -3.66 -10.95
CA THR B 213 -8.42 -4.89 -10.19
C THR B 213 -7.08 -5.52 -10.61
N SER B 214 -6.45 -6.22 -9.66
CA SER B 214 -5.26 -6.92 -9.98
C SER B 214 -5.50 -8.04 -11.01
N PRO B 215 -4.49 -8.41 -11.79
CA PRO B 215 -4.58 -9.59 -12.66
C PRO B 215 -4.72 -10.87 -11.87
N ASP B 216 -5.08 -11.92 -12.58
CA ASP B 216 -5.27 -13.24 -11.96
C ASP B 216 -4.02 -13.74 -11.27
N SER B 217 -2.85 -13.27 -11.74
CA SER B 217 -1.56 -13.66 -11.15
C SER B 217 -1.33 -13.14 -9.75
N MET B 218 -2.13 -12.18 -9.29
CA MET B 218 -1.89 -11.53 -7.98
C MET B 218 -3.15 -11.40 -7.12
N ILE B 219 -4.34 -11.60 -7.69
CA ILE B 219 -5.59 -11.16 -7.01
C ILE B 219 -6.06 -12.11 -5.87
N ASP B 220 -5.67 -13.40 -5.91
CA ASP B 220 -6.43 -14.40 -5.12
C ASP B 220 -6.56 -14.12 -3.62
N PRO B 221 -5.46 -13.77 -2.93
CA PRO B 221 -5.66 -13.56 -1.49
C PRO B 221 -6.48 -12.32 -1.15
N MET B 222 -6.44 -11.33 -2.02
CA MET B 222 -7.25 -10.14 -1.80
C MET B 222 -8.71 -10.45 -2.04
N LEU B 223 -8.98 -11.13 -3.15
CA LEU B 223 -10.35 -11.43 -3.53
C LEU B 223 -11.05 -12.23 -2.46
N GLU B 224 -10.32 -13.19 -1.89
CA GLU B 224 -10.95 -14.05 -0.86
CA GLU B 224 -10.92 -14.02 -0.85
C GLU B 224 -11.47 -13.25 0.41
N ALA B 225 -10.77 -12.16 0.75
CA ALA B 225 -11.09 -11.39 1.92
C ALA B 225 -11.99 -10.16 1.60
N GLY B 226 -12.39 -10.01 0.31
CA GLY B 226 -13.16 -8.83 -0.07
C GLY B 226 -12.33 -7.57 -0.25
N LEU B 227 -11.03 -7.75 -0.48
CA LEU B 227 -10.07 -6.67 -0.50
C LEU B 227 -9.52 -6.32 -1.90
N ASP B 228 -10.06 -6.91 -2.94
CA ASP B 228 -9.54 -6.72 -4.29
C ASP B 228 -9.85 -5.38 -4.92
N GLY B 229 -10.86 -4.69 -4.40
CA GLY B 229 -11.27 -3.45 -5.05
C GLY B 229 -10.70 -2.19 -4.42
N ALA B 230 -11.52 -1.14 -4.41
CA ALA B 230 -11.05 0.20 -3.99
C ALA B 230 -10.53 0.24 -2.55
N ILE B 231 -11.03 -0.64 -1.70
CA ILE B 231 -10.58 -0.69 -0.30
C ILE B 231 -9.06 -0.94 -0.19
N PHE B 232 -8.49 -1.68 -1.11
CA PHE B 232 -7.10 -2.13 -0.92
C PHE B 232 -6.39 -2.55 -2.18
N GLY B 233 -6.98 -3.47 -2.93
CA GLY B 233 -6.38 -3.97 -4.13
C GLY B 233 -6.07 -2.92 -5.18
N PHE B 234 -6.99 -1.97 -5.33
CA PHE B 234 -6.75 -0.89 -6.30
C PHE B 234 -5.41 -0.15 -6.00
N GLY B 235 -5.22 0.13 -4.72
CA GLY B 235 -3.97 0.86 -4.33
C GLY B 235 -2.73 0.04 -4.52
N VAL B 236 -2.82 -1.27 -4.23
CA VAL B 236 -1.71 -2.16 -4.47
C VAL B 236 -1.32 -2.20 -5.96
N GLU B 237 -2.31 -2.47 -6.79
CA GLU B 237 -2.10 -2.56 -8.24
C GLU B 237 -1.51 -1.28 -8.86
N THR B 238 -2.09 -0.16 -8.45
CA THR B 238 -1.76 1.14 -9.07
C THR B 238 -0.41 1.63 -8.52
N GLY B 239 -0.22 1.54 -7.18
CA GLY B 239 1.04 1.94 -6.61
C GLY B 239 2.18 1.11 -7.18
N MET B 240 1.94 -0.23 -7.30
CA MET B 240 2.88 -1.08 -7.93
C MET B 240 3.25 -0.64 -9.36
N HIS B 241 2.23 -0.36 -10.16
CA HIS B 241 2.45 0.01 -11.54
C HIS B 241 3.29 1.28 -11.65
N LEU B 242 2.90 2.30 -10.86
CA LEU B 242 3.66 3.52 -10.91
C LEU B 242 5.11 3.33 -10.41
N LEU B 243 5.28 2.51 -9.36
CA LEU B 243 6.63 2.25 -8.85
C LEU B 243 7.47 1.51 -9.87
N ARG B 244 6.83 0.59 -10.57
CA ARG B 244 7.56 -0.18 -11.64
C ARG B 244 8.05 0.83 -12.75
N LEU B 245 7.20 1.77 -13.13
CA LEU B 245 7.55 2.79 -14.13
C LEU B 245 8.65 3.70 -13.66
N ILE B 246 8.57 4.12 -12.41
CA ILE B 246 9.62 4.96 -11.86
C ILE B 246 10.97 4.19 -11.91
N THR B 247 10.97 2.94 -11.40
CA THR B 247 12.18 2.18 -11.23
C THR B 247 12.79 1.57 -12.50
N ILE B 248 11.98 1.52 -13.58
CA ILE B 248 12.51 1.17 -14.89
C ILE B 248 13.22 2.37 -15.56
N GLY B 249 13.04 3.54 -14.96
CA GLY B 249 13.64 4.78 -15.52
C GLY B 249 12.83 5.45 -16.61
N ILE B 250 11.51 5.39 -16.48
CA ILE B 250 10.63 5.99 -17.52
C ILE B 250 10.88 7.48 -17.63
N PHE B 251 11.18 8.12 -16.49
CA PHE B 251 11.37 9.55 -16.49
C PHE B 251 12.78 9.99 -16.83
N ASP B 252 13.73 9.03 -16.88
CA ASP B 252 15.01 9.37 -17.49
C ASP B 252 14.90 9.32 -19.01
N LYS B 253 14.11 8.37 -19.50
CA LYS B 253 13.88 8.20 -20.94
C LYS B 253 13.02 9.35 -21.49
N TYR B 254 12.07 9.76 -20.67
CA TYR B 254 11.06 10.76 -21.01
C TYR B 254 10.96 11.84 -19.96
N PRO B 255 11.90 12.78 -19.93
CA PRO B 255 11.92 13.66 -18.77
C PRO B 255 10.74 14.65 -18.70
N SER B 256 10.10 14.91 -19.83
CA SER B 256 8.93 15.82 -19.83
C SER B 256 7.65 15.14 -19.38
N LEU B 257 7.68 13.81 -19.32
CA LEU B 257 6.42 13.05 -19.10
C LEU B 257 5.89 13.29 -17.69
N GLN B 258 4.60 13.60 -17.61
CA GLN B 258 3.88 13.68 -16.35
C GLN B 258 2.89 12.53 -16.19
N ILE B 259 2.99 11.82 -15.07
CA ILE B 259 2.08 10.78 -14.76
C ILE B 259 1.26 11.21 -13.54
N MET B 260 -0.06 11.15 -13.67
CA MET B 260 -1.01 11.47 -12.59
C MET B 260 -1.55 10.18 -11.99
N VAL B 261 -1.72 10.15 -10.67
CA VAL B 261 -2.44 9.10 -9.98
C VAL B 261 -3.33 9.70 -8.93
N GLY B 262 -4.39 8.98 -8.62
CA GLY B 262 -5.39 9.41 -7.66
C GLY B 262 -5.14 8.82 -6.27
N HIS B 263 -6.17 8.93 -5.44
CA HIS B 263 -6.19 8.29 -4.15
C HIS B 263 -4.95 8.58 -3.32
N MET B 264 -4.61 9.89 -3.36
CA MET B 264 -3.51 10.40 -2.53
C MET B 264 -2.16 9.78 -2.86
N GLY B 265 -1.99 9.36 -4.12
CA GLY B 265 -0.71 8.83 -4.61
C GLY B 265 -0.55 7.33 -4.43
N GLU B 266 -1.66 6.64 -4.17
CA GLU B 266 -1.64 5.22 -4.02
C GLU B 266 -0.55 4.75 -3.02
N ALA B 267 -0.52 5.49 -1.89
CA ALA B 267 0.39 5.29 -0.71
C ALA B 267 1.84 5.64 -0.94
N LEU B 268 2.24 5.83 -2.21
CA LEU B 268 3.69 6.07 -2.47
C LEU B 268 4.28 7.26 -1.68
N PRO B 269 3.56 8.38 -1.56
CA PRO B 269 4.14 9.51 -0.81
C PRO B 269 4.40 9.17 0.64
N TYR B 270 3.57 8.31 1.21
CA TYR B 270 3.75 7.92 2.59
C TYR B 270 4.90 6.91 2.77
N TRP B 271 5.05 6.04 1.80
CA TRP B 271 6.15 5.08 1.77
C TRP B 271 7.51 5.66 1.37
N LEU B 272 7.54 6.96 1.03
CA LEU B 272 8.66 7.49 0.24
C LEU B 272 10.03 7.21 0.89
N TYR B 273 10.15 7.46 2.20
CA TYR B 273 11.44 7.19 2.85
C TYR B 273 11.92 5.76 2.63
N ARG B 274 11.02 4.81 2.88
CA ARG B 274 11.28 3.38 2.68
C ARG B 274 11.54 2.98 1.23
N LEU B 275 10.82 3.62 0.29
CA LEU B 275 11.02 3.37 -1.14
C LEU B 275 12.49 3.69 -1.54
N ASP B 276 12.94 4.90 -1.14
CA ASP B 276 14.26 5.35 -1.52
C ASP B 276 15.33 4.59 -0.81
N TYR B 277 15.13 4.34 0.48
CA TYR B 277 16.13 3.57 1.23
C TYR B 277 16.34 2.17 0.59
N MET B 278 15.22 1.47 0.35
CA MET B 278 15.35 0.08 -0.13
C MET B 278 15.65 0.00 -1.62
N HIS B 279 15.24 1.03 -2.37
CA HIS B 279 15.64 1.05 -3.77
C HIS B 279 17.18 1.18 -3.90
N GLN B 280 17.73 2.11 -3.14
CA GLN B 280 19.18 2.36 -3.14
C GLN B 280 19.93 1.12 -2.64
N ALA B 281 19.40 0.52 -1.58
CA ALA B 281 20.02 -0.69 -0.99
C ALA B 281 20.10 -1.81 -2.02
N GLY B 282 19.00 -1.99 -2.76
CA GLY B 282 18.94 -3.01 -3.83
C GLY B 282 19.95 -2.75 -4.94
N VAL B 283 19.98 -1.49 -5.41
CA VAL B 283 20.88 -1.14 -6.52
C VAL B 283 22.35 -1.32 -6.10
N ARG B 284 22.68 -0.85 -4.91
CA ARG B 284 24.08 -0.95 -4.48
C ARG B 284 24.56 -2.38 -4.15
N SER B 285 23.63 -3.27 -3.87
CA SER B 285 23.96 -4.69 -3.55
C SER B 285 23.79 -5.56 -4.77
N GLN B 286 23.48 -4.93 -5.91
CA GLN B 286 23.29 -5.65 -7.19
C GLN B 286 22.32 -6.78 -7.10
N ARG B 287 21.20 -6.54 -6.40
CA ARG B 287 20.27 -7.62 -6.14
C ARG B 287 19.45 -8.07 -7.36
N TYR B 288 18.97 -7.10 -8.15
CA TYR B 288 18.03 -7.37 -9.25
C TYR B 288 18.62 -6.76 -10.52
N GLU B 289 18.75 -7.54 -11.59
CA GLU B 289 19.36 -7.01 -12.83
C GLU B 289 18.42 -5.94 -13.42
N ARG B 290 17.15 -6.09 -13.09
CA ARG B 290 16.11 -5.20 -13.57
C ARG B 290 16.29 -3.79 -13.05
N MET B 291 16.74 -3.66 -11.79
CA MET B 291 16.87 -2.40 -11.06
C MET B 291 18.25 -1.79 -11.23
N LYS B 292 18.33 -0.86 -12.16
CA LYS B 292 19.54 -0.17 -12.50
C LYS B 292 19.60 1.25 -11.87
N PRO B 293 20.81 1.80 -11.72
CA PRO B 293 20.88 3.18 -11.24
C PRO B 293 20.03 4.16 -12.07
N LEU B 294 19.35 5.04 -11.33
CA LEU B 294 18.50 6.10 -11.92
C LEU B 294 19.20 7.47 -11.75
N LYS B 295 18.84 8.42 -12.57
CA LYS B 295 19.40 9.77 -12.44
C LYS B 295 18.88 10.57 -11.27
N LYS B 296 17.67 10.24 -10.77
CA LYS B 296 17.11 10.96 -9.62
C LYS B 296 16.69 9.92 -8.59
N THR B 297 16.49 10.39 -7.36
CA THR B 297 15.85 9.55 -6.33
C THR B 297 14.36 9.49 -6.66
N ILE B 298 13.69 8.51 -6.04
CA ILE B 298 12.22 8.40 -6.18
C ILE B 298 11.58 9.70 -5.76
N GLU B 299 12.05 10.26 -4.64
CA GLU B 299 11.61 11.60 -4.22
C GLU B 299 11.76 12.62 -5.34
N GLY B 300 12.90 12.64 -6.00
CA GLY B 300 13.11 13.58 -7.14
C GLY B 300 12.04 13.41 -8.20
N TYR B 301 11.76 12.14 -8.58
CA TYR B 301 10.73 11.93 -9.61
C TYR B 301 9.35 12.32 -9.13
N LEU B 302 9.03 12.12 -7.85
CA LEU B 302 7.74 12.61 -7.37
C LEU B 302 7.60 14.15 -7.53
N LYS B 303 8.70 14.85 -7.32
CA LYS B 303 8.64 16.27 -7.33
C LYS B 303 8.69 16.85 -8.74
N SER B 304 9.19 16.06 -9.70
CA SER B 304 9.33 16.56 -11.10
C SER B 304 8.40 15.95 -12.15
N ASN B 305 7.93 14.71 -11.91
CA ASN B 305 7.24 13.96 -12.95
C ASN B 305 5.92 13.27 -12.51
N VAL B 306 5.60 13.28 -11.22
CA VAL B 306 4.39 12.63 -10.76
C VAL B 306 3.46 13.70 -10.19
N LEU B 307 2.17 13.52 -10.42
CA LEU B 307 1.12 14.45 -9.94
C LEU B 307 0.08 13.60 -9.20
N VAL B 308 -0.54 14.15 -8.17
CA VAL B 308 -1.43 13.39 -7.29
CA VAL B 308 -1.47 13.35 -7.39
C VAL B 308 -2.79 14.08 -7.19
N THR B 309 -3.83 13.30 -7.16
CA THR B 309 -5.16 13.83 -6.80
C THR B 309 -5.62 13.14 -5.49
N ASN B 310 -6.62 13.76 -4.83
CA ASN B 310 -7.17 13.21 -3.60
C ASN B 310 -8.47 12.39 -3.82
N SER B 311 -8.67 11.87 -5.06
CA SER B 311 -9.86 11.04 -5.28
C SER B 311 -10.03 10.02 -4.11
N GLY B 312 -11.22 10.01 -3.54
CA GLY B 312 -11.54 9.06 -2.51
C GLY B 312 -10.93 9.31 -1.15
N VAL B 313 -10.22 10.45 -1.04
CA VAL B 313 -9.47 10.75 0.19
C VAL B 313 -9.76 12.22 0.54
N ALA B 314 -10.98 12.43 1.03
CA ALA B 314 -11.44 13.77 1.48
C ALA B 314 -11.05 13.95 2.93
N TRP B 315 -9.74 14.01 3.14
CA TRP B 315 -9.19 13.83 4.47
C TRP B 315 -7.96 14.73 4.61
N GLU B 316 -8.18 15.80 5.41
CA GLU B 316 -7.15 16.85 5.50
CA GLU B 316 -7.19 16.87 5.53
C GLU B 316 -5.72 16.44 5.91
N PRO B 317 -5.60 15.53 6.93
CA PRO B 317 -4.23 15.20 7.28
C PRO B 317 -3.44 14.52 6.12
N ALA B 318 -4.12 13.71 5.33
CA ALA B 318 -3.44 13.02 4.25
C ALA B 318 -3.15 13.98 3.10
N ILE B 319 -4.07 14.88 2.83
CA ILE B 319 -3.87 15.90 1.78
C ILE B 319 -2.67 16.78 2.12
N LYS B 320 -2.65 17.26 3.41
CA LYS B 320 -1.54 18.15 3.82
C LYS B 320 -0.18 17.43 3.82
N PHE B 321 -0.19 16.14 4.22
CA PHE B 321 1.04 15.35 4.20
C PHE B 321 1.57 15.27 2.74
N CYS B 322 0.70 14.92 1.80
CA CYS B 322 1.04 14.79 0.42
C CYS B 322 1.50 16.14 -0.20
N GLN B 323 0.83 17.25 0.18
CA GLN B 323 1.30 18.57 -0.21
C GLN B 323 2.74 18.84 0.23
N GLN B 324 3.05 18.46 1.48
CA GLN B 324 4.41 18.66 2.01
CA GLN B 324 4.41 18.61 2.04
C GLN B 324 5.45 17.84 1.20
N VAL B 325 5.13 16.58 0.93
CA VAL B 325 5.99 15.69 0.21
C VAL B 325 6.22 16.06 -1.22
N MET B 326 5.13 16.32 -1.93
CA MET B 326 5.19 16.53 -3.36
C MET B 326 5.32 17.99 -3.74
N GLY B 327 4.90 18.87 -2.83
CA GLY B 327 4.71 20.28 -3.16
C GLY B 327 3.24 20.59 -3.37
N GLU B 328 2.81 21.74 -2.90
CA GLU B 328 1.43 22.13 -3.01
C GLU B 328 0.99 22.35 -4.46
N ASP B 329 1.93 22.55 -5.40
CA ASP B 329 1.55 22.75 -6.79
C ASP B 329 1.26 21.42 -7.48
N ARG B 330 1.44 20.29 -6.78
CA ARG B 330 1.43 18.95 -7.43
C ARG B 330 0.29 18.07 -6.92
N VAL B 331 -0.64 18.66 -6.12
CA VAL B 331 -1.73 17.91 -5.52
C VAL B 331 -3.03 18.62 -5.90
N MET B 332 -3.96 17.88 -6.45
CA MET B 332 -5.22 18.37 -7.03
C MET B 332 -6.45 17.70 -6.43
N TYR B 333 -7.53 18.46 -6.41
CA TYR B 333 -8.85 17.93 -6.04
C TYR B 333 -9.43 17.00 -7.08
N ALA B 334 -9.99 15.88 -6.60
CA ALA B 334 -10.83 15.01 -7.40
C ALA B 334 -11.95 14.48 -6.54
N MET B 335 -13.10 14.28 -7.17
CA MET B 335 -14.25 13.68 -6.47
C MET B 335 -14.32 12.18 -6.59
N ASP B 336 -13.98 11.64 -7.76
CA ASP B 336 -14.25 10.20 -8.07
C ASP B 336 -15.76 9.93 -8.18
N TYR B 337 -16.46 10.89 -8.75
CA TYR B 337 -17.89 10.68 -9.15
C TYR B 337 -17.94 9.62 -10.28
N PRO B 338 -18.94 8.73 -10.19
CA PRO B 338 -20.03 8.66 -9.23
C PRO B 338 -19.84 7.62 -8.14
N TYR B 339 -18.65 7.03 -8.12
CA TYR B 339 -18.32 6.03 -7.12
C TYR B 339 -18.29 6.61 -5.71
N GLN B 340 -17.93 7.88 -5.62
CA GLN B 340 -17.85 8.53 -4.32
C GLN B 340 -18.38 9.97 -4.44
N TYR B 341 -19.70 10.06 -4.42
CA TYR B 341 -20.43 11.30 -4.70
C TYR B 341 -21.05 11.77 -3.41
N VAL B 342 -20.31 12.60 -2.68
CA VAL B 342 -20.67 12.94 -1.32
C VAL B 342 -20.54 14.44 -1.10
N ALA B 343 -21.66 15.11 -0.98
CA ALA B 343 -21.67 16.57 -0.79
C ALA B 343 -20.85 16.99 0.44
N ASP B 344 -20.93 16.22 1.51
CA ASP B 344 -20.25 16.59 2.75
C ASP B 344 -18.71 16.53 2.55
N GLU B 345 -18.22 15.67 1.65
CA GLU B 345 -16.83 15.68 1.29
C GLU B 345 -16.37 17.02 0.68
N VAL B 346 -17.16 17.50 -0.27
CA VAL B 346 -16.91 18.83 -0.84
C VAL B 346 -16.84 19.87 0.28
N ARG B 347 -17.84 19.87 1.14
CA ARG B 347 -17.88 20.81 2.22
C ARG B 347 -16.63 20.75 3.09
N ALA B 348 -16.20 19.54 3.41
CA ALA B 348 -14.98 19.39 4.20
C ALA B 348 -13.78 19.95 3.51
N MET B 349 -13.68 19.69 2.21
CA MET B 349 -12.52 20.18 1.47
C MET B 349 -12.56 21.72 1.37
N ASP B 350 -13.75 22.27 1.19
CA ASP B 350 -13.90 23.75 1.07
C ASP B 350 -13.42 24.39 2.42
N ALA B 351 -13.58 23.68 3.53
CA ALA B 351 -13.35 24.21 4.88
C ALA B 351 -12.03 23.87 5.52
N MET B 352 -11.13 23.32 4.73
CA MET B 352 -9.82 22.94 5.26
C MET B 352 -9.11 24.18 5.82
N ASP B 353 -8.31 23.93 6.86
CA ASP B 353 -7.52 24.98 7.47
C ASP B 353 -6.24 25.13 6.63
N MET B 354 -6.41 25.84 5.54
CA MET B 354 -5.44 25.95 4.51
C MET B 354 -5.62 27.35 3.90
N SER B 355 -4.53 28.01 3.51
CA SER B 355 -4.58 29.35 2.98
C SER B 355 -5.46 29.43 1.76
N ALA B 356 -6.06 30.58 1.55
CA ALA B 356 -6.85 30.79 0.32
C ALA B 356 -6.01 30.49 -0.93
N GLN B 357 -4.73 30.88 -0.93
CA GLN B 357 -3.87 30.72 -2.08
C GLN B 357 -3.65 29.20 -2.32
N THR B 358 -3.41 28.43 -1.26
CA THR B 358 -3.14 27.00 -1.42
C THR B 358 -4.42 26.30 -1.83
N LYS B 359 -5.53 26.68 -1.22
CA LYS B 359 -6.82 26.06 -1.53
C LYS B 359 -7.21 26.26 -2.99
N LYS B 360 -6.91 27.44 -3.52
CA LYS B 360 -7.23 27.72 -4.90
C LYS B 360 -6.33 26.87 -5.83
N LYS B 361 -5.08 26.67 -5.44
CA LYS B 361 -4.22 25.74 -6.24
C LYS B 361 -4.87 24.35 -6.27
N PHE B 362 -5.20 23.86 -5.10
CA PHE B 362 -5.72 22.50 -4.89
C PHE B 362 -7.02 22.29 -5.70
N PHE B 363 -7.95 23.23 -5.66
CA PHE B 363 -9.20 23.01 -6.37
C PHE B 363 -9.15 23.37 -7.82
N GLN B 364 -8.33 24.35 -8.21
CA GLN B 364 -8.45 24.99 -9.55
C GLN B 364 -7.16 25.09 -10.34
N THR B 365 -6.19 25.84 -9.83
CA THR B 365 -5.15 26.30 -10.71
C THR B 365 -4.08 25.24 -11.01
N ASN B 366 -3.91 24.26 -10.10
CA ASN B 366 -3.03 23.14 -10.43
C ASN B 366 -3.57 22.38 -11.64
N ALA B 367 -4.85 22.02 -11.60
CA ALA B 367 -5.48 21.38 -12.71
C ALA B 367 -5.39 22.18 -13.97
N GLU B 368 -5.59 23.47 -13.88
CA GLU B 368 -5.49 24.33 -15.08
C GLU B 368 -4.11 24.22 -15.71
N LYS B 369 -3.09 24.20 -14.89
CA LYS B 369 -1.68 24.05 -15.36
C LYS B 369 -1.42 22.66 -15.95
N TRP B 370 -1.67 21.62 -15.15
CA TRP B 370 -1.21 20.30 -15.57
C TRP B 370 -2.03 19.67 -16.68
N PHE B 371 -3.29 20.00 -16.75
CA PHE B 371 -4.15 19.61 -17.87
C PHE B 371 -4.14 20.58 -19.07
N LYS B 372 -3.53 21.74 -18.91
CA LYS B 372 -3.47 22.76 -19.98
C LYS B 372 -4.88 23.22 -20.35
N LEU B 373 -5.67 23.57 -19.34
CA LEU B 373 -7.06 23.92 -19.55
C LEU B 373 -7.26 25.30 -20.11
MN MN C . 12.04 -6.29 10.51
C1 GOL D . -19.74 4.78 2.08
O1 GOL D . -18.91 4.76 3.24
C2 GOL D . -20.95 3.85 2.28
O2 GOL D . -21.84 4.39 3.27
C3 GOL D . -21.66 3.71 0.94
O3 GOL D . -22.71 2.80 1.06
C1 GOL E . 3.80 -22.01 -2.07
O1 GOL E . 4.43 -23.25 -2.15
C2 GOL E . 3.84 -21.58 -0.67
O2 GOL E . 3.13 -22.52 0.16
C3 GOL E . 3.33 -20.18 -0.60
O3 GOL E . 4.17 -19.35 -1.37
MN MN F . -11.80 6.67 -10.14
C1 GOL G . -5.34 -11.02 -16.28
O1 GOL G . -6.07 -11.12 -15.09
C2 GOL G . -5.99 -11.81 -17.45
O2 GOL G . -5.22 -11.61 -18.66
C3 GOL G . -6.12 -13.30 -17.10
O3 GOL G . -6.84 -13.97 -18.20
C1 GOL H . -0.26 28.11 -10.00
O1 GOL H . -0.39 28.87 -8.82
C2 GOL H . -0.25 26.63 -9.62
O2 GOL H . -1.59 26.24 -9.46
C3 GOL H . 0.27 25.73 -10.66
O3 GOL H . 0.73 24.46 -10.25
#